data_2MW7
#
_entry.id   2MW7
#
_entity_poly.entity_id   1
_entity_poly.type   'polypeptide(L)'
_entity_poly.pdbx_seq_one_letter_code
;DGECGDKDEPCCGRPDGAKVCNDPWVCILTSSRCENP
;
_entity_poly.pdbx_strand_id   A
#
# COMPACT_ATOMS: atom_id res chain seq x y z
N ASP A 1 -6.54 -0.54 10.53
CA ASP A 1 -8.03 -0.56 10.51
C ASP A 1 -8.56 0.75 9.94
N GLY A 2 -9.23 0.67 8.77
CA GLY A 2 -9.80 1.85 8.10
C GLY A 2 -8.75 2.80 7.54
N GLU A 3 -7.49 2.32 7.47
CA GLU A 3 -6.32 3.12 7.06
C GLU A 3 -5.69 2.49 5.81
N CYS A 4 -4.63 3.10 5.29
CA CYS A 4 -3.97 2.63 4.06
C CYS A 4 -2.48 2.93 4.10
N GLY A 5 -1.65 1.98 3.61
CA GLY A 5 -0.21 2.19 3.46
C GLY A 5 0.66 1.41 4.44
N ASP A 6 0.03 0.68 5.36
CA ASP A 6 0.73 -0.05 6.45
C ASP A 6 0.89 -1.53 6.13
N LYS A 7 1.58 -2.25 7.04
CA LYS A 7 1.92 -3.69 6.86
C LYS A 7 0.65 -4.54 6.77
N ASP A 8 0.47 -5.18 5.59
CA ASP A 8 -0.67 -6.06 5.27
C ASP A 8 -2.00 -5.28 5.25
N GLU A 9 -1.88 -3.96 5.07
CA GLU A 9 -3.01 -3.02 5.02
C GLU A 9 -3.11 -2.46 3.59
N PRO A 10 -4.33 -2.44 2.95
CA PRO A 10 -4.51 -2.04 1.52
C PRO A 10 -3.90 -0.64 1.21
N CYS A 11 -3.27 -0.50 0.03
CA CYS A 11 -2.63 0.76 -0.39
C CYS A 11 -3.64 1.64 -1.13
N CYS A 12 -3.68 2.92 -0.75
CA CYS A 12 -4.57 3.92 -1.35
C CYS A 12 -3.85 4.65 -2.51
N GLY A 13 -4.22 4.30 -3.76
CA GLY A 13 -3.62 4.89 -4.95
C GLY A 13 -4.21 6.27 -5.23
N ARG A 14 -3.32 7.26 -5.43
CA ARG A 14 -3.68 8.69 -5.51
C ARG A 14 -4.02 9.11 -6.97
N PRO A 15 -4.63 10.35 -7.18
CA PRO A 15 -4.82 10.94 -8.55
C PRO A 15 -3.52 11.00 -9.41
N ASP A 16 -2.36 11.20 -8.75
CA ASP A 16 -1.04 11.21 -9.43
C ASP A 16 -0.57 9.77 -9.77
N GLY A 17 -1.29 8.76 -9.27
CA GLY A 17 -1.10 7.36 -9.65
C GLY A 17 -0.31 6.54 -8.63
N ALA A 18 0.51 7.21 -7.81
CA ALA A 18 1.38 6.52 -6.85
C ALA A 18 0.55 5.96 -5.67
N LYS A 19 0.73 4.65 -5.40
CA LYS A 19 0.08 3.94 -4.29
C LYS A 19 0.76 4.32 -2.97
N VAL A 20 -0.03 4.71 -1.95
CA VAL A 20 0.52 5.12 -0.64
C VAL A 20 0.90 3.88 0.18
N CYS A 21 2.20 3.78 0.47
CA CYS A 21 2.78 2.81 1.41
C CYS A 21 3.97 3.50 2.09
N ASN A 22 4.10 3.32 3.41
CA ASN A 22 5.28 3.82 4.14
C ASN A 22 6.44 2.83 3.91
N ASP A 23 7.66 3.36 3.72
CA ASP A 23 8.85 2.53 3.46
C ASP A 23 9.21 1.70 4.71
N PRO A 24 9.67 0.41 4.56
CA PRO A 24 9.95 -0.24 3.26
C PRO A 24 8.79 -1.11 2.70
N TRP A 25 7.54 -0.90 3.20
CA TRP A 25 6.36 -1.67 2.75
C TRP A 25 6.03 -1.31 1.28
N VAL A 26 5.94 -2.34 0.43
CA VAL A 26 5.57 -2.23 -0.99
C VAL A 26 4.21 -2.90 -1.22
N CYS A 27 3.29 -2.17 -1.88
CA CYS A 27 1.97 -2.69 -2.26
C CYS A 27 2.11 -3.58 -3.52
N ILE A 28 1.92 -4.90 -3.33
CA ILE A 28 1.95 -5.88 -4.44
C ILE A 28 0.60 -5.84 -5.18
N LEU A 29 0.63 -5.94 -6.53
CA LEU A 29 -0.53 -5.61 -7.39
C LEU A 29 -1.76 -6.54 -7.16
N THR A 30 -1.52 -7.83 -6.92
CA THR A 30 -2.60 -8.81 -6.71
C THR A 30 -3.24 -8.63 -5.31
N SER A 31 -2.37 -8.61 -4.28
CA SER A 31 -2.80 -8.51 -2.86
C SER A 31 -3.38 -7.12 -2.52
N SER A 32 -2.92 -6.10 -3.29
CA SER A 32 -3.29 -4.67 -3.16
C SER A 32 -3.06 -4.13 -1.73
N ARG A 33 -2.10 -4.74 -1.00
CA ARG A 33 -1.74 -4.34 0.39
C ARG A 33 -0.23 -4.07 0.49
N CYS A 34 0.14 -3.05 1.29
CA CYS A 34 1.54 -2.69 1.52
C CYS A 34 2.20 -3.70 2.48
N GLU A 35 2.96 -4.64 1.94
CA GLU A 35 3.61 -5.71 2.72
C GLU A 35 5.13 -5.70 2.49
N ASN A 36 5.85 -6.66 3.10
CA ASN A 36 7.32 -6.71 3.01
C ASN A 36 7.77 -7.17 1.61
N PRO A 37 8.87 -6.54 1.02
CA PRO A 37 9.47 -6.98 -0.26
C PRO A 37 9.88 -8.49 -0.24
N ASP A 1 -7.35 -2.50 9.44
CA ASP A 1 -8.51 -2.15 8.61
C ASP A 1 -9.00 -0.74 8.99
N GLY A 2 -9.33 0.08 7.99
CA GLY A 2 -9.81 1.46 8.19
C GLY A 2 -8.77 2.50 7.78
N GLU A 3 -7.49 2.16 7.93
CA GLU A 3 -6.37 3.01 7.49
C GLU A 3 -5.75 2.46 6.19
N CYS A 4 -4.77 3.18 5.65
CA CYS A 4 -4.05 2.77 4.44
C CYS A 4 -2.55 2.97 4.64
N GLY A 5 -1.75 2.13 3.97
CA GLY A 5 -0.30 2.30 3.89
C GLY A 5 0.52 1.49 4.89
N ASP A 6 -0.17 0.66 5.70
CA ASP A 6 0.49 -0.21 6.70
C ASP A 6 0.78 -1.60 6.09
N LYS A 7 1.62 -2.39 6.77
CA LYS A 7 2.00 -3.73 6.30
C LYS A 7 0.80 -4.69 6.44
N ASP A 8 0.60 -5.54 5.39
CA ASP A 8 -0.55 -6.46 5.23
C ASP A 8 -1.89 -5.69 5.24
N GLU A 9 -1.85 -4.43 4.79
CA GLU A 9 -2.99 -3.50 4.86
C GLU A 9 -3.04 -2.66 3.57
N PRO A 10 -4.26 -2.46 2.92
CA PRO A 10 -4.40 -1.80 1.59
C PRO A 10 -3.76 -0.41 1.50
N CYS A 11 -3.23 -0.08 0.32
CA CYS A 11 -2.63 1.24 0.03
C CYS A 11 -3.69 2.16 -0.54
N CYS A 12 -3.71 3.44 -0.10
CA CYS A 12 -4.54 4.48 -0.70
C CYS A 12 -3.83 4.99 -1.97
N GLY A 13 -4.12 4.30 -3.10
CA GLY A 13 -3.45 4.55 -4.37
C GLY A 13 -3.98 5.79 -5.07
N ARG A 14 -3.08 6.74 -5.32
CA ARG A 14 -3.40 8.04 -5.94
C ARG A 14 -3.67 7.89 -7.45
N PRO A 15 -4.53 8.79 -8.06
CA PRO A 15 -4.86 8.74 -9.51
C PRO A 15 -3.64 9.00 -10.43
N ASP A 16 -2.61 9.67 -9.88
CA ASP A 16 -1.32 9.89 -10.57
C ASP A 16 -0.42 8.65 -10.52
N GLY A 17 -0.76 7.69 -9.63
CA GLY A 17 -0.10 6.38 -9.56
C GLY A 17 0.70 6.16 -8.28
N ALA A 18 0.80 7.20 -7.44
CA ALA A 18 1.57 7.13 -6.18
C ALA A 18 0.80 6.31 -5.12
N LYS A 19 1.18 5.02 -4.99
CA LYS A 19 0.62 4.12 -3.97
C LYS A 19 1.17 4.53 -2.58
N VAL A 20 0.29 5.01 -1.71
CA VAL A 20 0.67 5.50 -0.38
C VAL A 20 0.89 4.33 0.59
N CYS A 21 2.17 4.14 0.95
CA CYS A 21 2.62 3.13 1.91
C CYS A 21 3.86 3.67 2.66
N ASN A 22 4.08 3.23 3.91
CA ASN A 22 5.30 3.58 4.66
C ASN A 22 6.42 2.58 4.28
N ASP A 23 7.65 3.09 4.10
CA ASP A 23 8.81 2.26 3.71
C ASP A 23 9.22 1.28 4.85
N PRO A 24 9.72 0.04 4.55
CA PRO A 24 10.00 -0.46 3.17
C PRO A 24 8.80 -1.12 2.46
N TRP A 25 7.60 -1.01 3.05
CA TRP A 25 6.40 -1.74 2.58
C TRP A 25 5.87 -1.16 1.25
N VAL A 26 5.96 -1.98 0.18
CA VAL A 26 5.47 -1.64 -1.16
C VAL A 26 4.06 -2.23 -1.36
N CYS A 27 3.14 -1.41 -1.90
CA CYS A 27 1.78 -1.87 -2.24
C CYS A 27 1.81 -2.80 -3.46
N ILE A 28 1.63 -4.10 -3.19
CA ILE A 28 1.56 -5.15 -4.22
C ILE A 28 0.15 -5.13 -4.84
N LEU A 29 0.07 -4.86 -6.15
CA LEU A 29 -1.22 -4.61 -6.87
C LEU A 29 -2.16 -5.84 -6.83
N THR A 30 -1.57 -7.05 -6.94
CA THR A 30 -2.33 -8.32 -6.92
C THR A 30 -3.10 -8.53 -5.59
N SER A 31 -2.45 -8.14 -4.49
CA SER A 31 -3.05 -8.23 -3.14
C SER A 31 -3.68 -6.88 -2.69
N SER A 32 -3.43 -5.81 -3.52
CA SER A 32 -3.88 -4.41 -3.28
C SER A 32 -3.41 -3.83 -1.91
N ARG A 33 -2.36 -4.42 -1.31
CA ARG A 33 -1.93 -4.07 0.06
C ARG A 33 -0.40 -3.86 0.15
N CYS A 34 0.02 -2.96 1.06
CA CYS A 34 1.44 -2.69 1.33
C CYS A 34 2.04 -3.87 2.12
N GLU A 35 2.99 -4.59 1.52
CA GLU A 35 3.77 -5.69 2.16
C GLU A 35 5.26 -5.50 1.84
N ASN A 36 6.11 -6.49 2.20
CA ASN A 36 7.56 -6.43 1.91
C ASN A 36 7.84 -6.36 0.38
N PRO A 37 8.95 -5.67 -0.05
CA PRO A 37 9.44 -5.72 -1.46
C PRO A 37 9.59 -7.17 -2.00
N ASP A 1 -5.30 -0.92 11.38
CA ASP A 1 -6.61 -1.46 10.99
C ASP A 1 -7.60 -0.30 10.77
N GLY A 2 -7.89 0.02 9.49
CA GLY A 2 -8.88 1.04 9.12
C GLY A 2 -8.30 2.15 8.25
N GLU A 3 -6.98 2.34 8.28
CA GLU A 3 -6.27 3.31 7.40
C GLU A 3 -5.70 2.58 6.17
N CYS A 4 -4.81 3.23 5.43
CA CYS A 4 -4.20 2.66 4.22
C CYS A 4 -2.68 2.91 4.20
N GLY A 5 -1.90 1.86 3.88
CA GLY A 5 -0.46 2.02 3.61
C GLY A 5 0.47 1.26 4.53
N ASP A 6 -0.08 0.51 5.50
CA ASP A 6 0.75 -0.25 6.48
C ASP A 6 1.00 -1.68 5.99
N LYS A 7 1.82 -2.43 6.75
CA LYS A 7 2.16 -3.82 6.44
C LYS A 7 0.88 -4.71 6.64
N ASP A 8 0.51 -5.42 5.56
CA ASP A 8 -0.74 -6.23 5.42
C ASP A 8 -2.02 -5.35 5.43
N GLU A 9 -1.86 -4.05 5.15
CA GLU A 9 -2.98 -3.08 5.11
C GLU A 9 -3.18 -2.59 3.65
N PRO A 10 -4.44 -2.62 3.09
CA PRO A 10 -4.79 -2.08 1.74
C PRO A 10 -4.14 -0.71 1.46
N CYS A 11 -3.42 -0.61 0.33
CA CYS A 11 -2.74 0.63 -0.09
C CYS A 11 -3.74 1.52 -0.83
N CYS A 12 -3.81 2.80 -0.44
CA CYS A 12 -4.66 3.79 -1.13
C CYS A 12 -3.94 4.29 -2.40
N GLY A 13 -4.68 4.47 -3.50
CA GLY A 13 -4.10 4.83 -4.79
C GLY A 13 -4.12 6.33 -5.03
N ARG A 14 -2.94 6.94 -5.10
CA ARG A 14 -2.75 8.37 -5.43
C ARG A 14 -3.29 8.69 -6.86
N PRO A 15 -3.81 9.94 -7.11
CA PRO A 15 -4.39 10.32 -8.42
C PRO A 15 -3.37 10.40 -9.59
N ASP A 16 -2.06 10.22 -9.29
CA ASP A 16 -0.98 10.13 -10.31
C ASP A 16 -0.61 8.66 -10.61
N GLY A 17 -1.31 7.72 -9.96
CA GLY A 17 -1.11 6.28 -10.20
C GLY A 17 -0.15 5.62 -9.22
N ALA A 18 0.34 6.39 -8.23
CA ALA A 18 1.33 5.89 -7.24
C ALA A 18 0.59 5.24 -6.05
N LYS A 19 1.27 4.32 -5.34
CA LYS A 19 0.67 3.58 -4.21
C LYS A 19 1.14 4.17 -2.88
N VAL A 20 0.19 4.50 -2.00
CA VAL A 20 0.47 5.01 -0.65
C VAL A 20 0.87 3.84 0.25
N CYS A 21 2.15 3.81 0.60
CA CYS A 21 2.73 2.86 1.54
C CYS A 21 3.76 3.58 2.40
N ASN A 22 3.83 3.27 3.70
CA ASN A 22 4.90 3.77 4.57
C ASN A 22 6.15 2.90 4.30
N ASP A 23 7.30 3.57 4.16
CA ASP A 23 8.59 2.91 3.92
C ASP A 23 8.97 2.02 5.14
N PRO A 24 9.58 0.80 4.93
CA PRO A 24 10.02 0.28 3.61
C PRO A 24 9.03 -0.72 2.96
N TRP A 25 7.71 -0.61 3.25
CA TRP A 25 6.69 -1.53 2.71
C TRP A 25 6.23 -1.04 1.34
N VAL A 26 5.96 -1.98 0.42
CA VAL A 26 5.49 -1.66 -0.94
C VAL A 26 4.19 -2.42 -1.24
N CYS A 27 3.26 -1.76 -1.93
CA CYS A 27 1.96 -2.32 -2.30
C CYS A 27 2.07 -3.21 -3.54
N ILE A 28 1.79 -4.50 -3.34
CA ILE A 28 1.70 -5.48 -4.44
C ILE A 28 0.35 -5.24 -5.14
N LEU A 29 0.40 -4.98 -6.46
CA LEU A 29 -0.77 -4.55 -7.25
C LEU A 29 -1.86 -5.66 -7.30
N THR A 30 -1.42 -6.93 -7.20
CA THR A 30 -2.30 -8.11 -7.21
C THR A 30 -3.12 -8.21 -5.89
N SER A 31 -2.48 -7.84 -4.77
CA SER A 31 -3.12 -7.87 -3.43
C SER A 31 -3.77 -6.51 -3.10
N SER A 32 -3.31 -5.46 -3.79
CA SER A 32 -3.68 -4.04 -3.57
C SER A 32 -3.46 -3.62 -2.09
N ARG A 33 -2.37 -4.13 -1.48
CA ARG A 33 -2.00 -3.81 -0.09
C ARG A 33 -0.46 -3.76 0.08
N CYS A 34 0.00 -2.87 0.99
CA CYS A 34 1.42 -2.70 1.32
C CYS A 34 1.88 -3.86 2.19
N GLU A 35 2.92 -4.58 1.73
CA GLU A 35 3.48 -5.75 2.43
C GLU A 35 5.02 -5.65 2.46
N ASN A 36 5.69 -6.68 3.01
CA ASN A 36 7.16 -6.79 3.03
C ASN A 36 7.68 -7.17 1.61
N PRO A 37 8.66 -6.40 1.03
CA PRO A 37 9.24 -6.71 -0.30
C PRO A 37 10.08 -8.02 -0.28
N ASP A 1 -6.98 -1.77 9.80
CA ASP A 1 -8.44 -1.61 9.60
C ASP A 1 -8.77 -0.13 9.40
N GLY A 2 -9.31 0.22 8.21
CA GLY A 2 -9.74 1.60 7.91
C GLY A 2 -8.60 2.49 7.42
N GLU A 3 -7.37 2.24 7.92
CA GLU A 3 -6.17 2.97 7.51
C GLU A 3 -5.56 2.33 6.24
N CYS A 4 -4.47 2.92 5.73
CA CYS A 4 -3.85 2.49 4.48
C CYS A 4 -2.34 2.73 4.53
N GLY A 5 -1.59 1.88 3.80
CA GLY A 5 -0.16 2.11 3.59
C GLY A 5 0.76 1.29 4.49
N ASP A 6 0.18 0.57 5.45
CA ASP A 6 0.93 -0.21 6.45
C ASP A 6 1.08 -1.67 6.02
N LYS A 7 1.84 -2.46 6.81
CA LYS A 7 2.10 -3.88 6.53
C LYS A 7 0.78 -4.68 6.65
N ASP A 8 0.43 -5.38 5.54
CA ASP A 8 -0.84 -6.17 5.42
C ASP A 8 -2.06 -5.24 5.51
N GLU A 9 -1.89 -4.01 5.04
CA GLU A 9 -2.94 -2.98 5.05
C GLU A 9 -3.11 -2.44 3.62
N PRO A 10 -4.38 -2.35 3.09
CA PRO A 10 -4.65 -1.88 1.70
C PRO A 10 -3.96 -0.54 1.38
N CYS A 11 -3.25 -0.46 0.25
CA CYS A 11 -2.56 0.77 -0.17
C CYS A 11 -3.57 1.74 -0.81
N CYS A 12 -3.60 2.98 -0.30
CA CYS A 12 -4.47 4.04 -0.82
C CYS A 12 -3.84 4.64 -2.10
N GLY A 13 -4.62 4.64 -3.19
CA GLY A 13 -4.12 5.05 -4.50
C GLY A 13 -4.10 6.56 -4.69
N ARG A 14 -2.98 7.08 -5.20
CA ARG A 14 -2.81 8.46 -5.65
C ARG A 14 -3.53 8.69 -6.99
N PRO A 15 -4.22 9.86 -7.17
CA PRO A 15 -4.76 10.31 -8.49
C PRO A 15 -3.70 10.32 -9.63
N ASP A 16 -2.42 10.58 -9.27
CA ASP A 16 -1.30 10.57 -10.24
C ASP A 16 -0.97 9.12 -10.67
N GLY A 17 -1.25 8.14 -9.79
CA GLY A 17 -1.09 6.72 -10.10
C GLY A 17 -0.15 5.97 -9.17
N ALA A 18 0.42 6.66 -8.17
CA ALA A 18 1.31 6.05 -7.16
C ALA A 18 0.47 5.28 -6.11
N LYS A 19 1.14 4.40 -5.36
CA LYS A 19 0.52 3.64 -4.24
C LYS A 19 1.15 4.12 -2.93
N VAL A 20 0.32 4.70 -2.04
CA VAL A 20 0.77 5.29 -0.77
C VAL A 20 1.04 4.17 0.24
N CYS A 21 2.33 3.99 0.56
CA CYS A 21 2.82 3.03 1.55
C CYS A 21 3.94 3.68 2.36
N ASN A 22 3.96 3.45 3.68
CA ASN A 22 5.08 3.90 4.54
C ASN A 22 6.24 2.90 4.39
N ASP A 23 7.47 3.42 4.39
CA ASP A 23 8.68 2.60 4.13
C ASP A 23 8.93 1.58 5.29
N PRO A 24 9.44 0.35 4.99
CA PRO A 24 9.88 -0.09 3.65
C PRO A 24 8.78 -0.83 2.83
N TRP A 25 7.51 -0.74 3.26
CA TRP A 25 6.41 -1.54 2.69
C TRP A 25 6.11 -1.10 1.25
N VAL A 26 6.00 -2.08 0.35
CA VAL A 26 5.67 -1.88 -1.08
C VAL A 26 4.31 -2.55 -1.37
N CYS A 27 3.37 -1.79 -1.95
CA CYS A 27 2.05 -2.33 -2.32
C CYS A 27 2.15 -3.19 -3.57
N ILE A 28 1.92 -4.48 -3.40
CA ILE A 28 1.82 -5.44 -4.50
C ILE A 28 0.41 -5.31 -5.12
N LEU A 29 0.35 -5.22 -6.47
CA LEU A 29 -0.89 -4.95 -7.23
C LEU A 29 -1.98 -6.01 -6.95
N THR A 30 -1.57 -7.29 -6.99
CA THR A 30 -2.47 -8.44 -6.86
C THR A 30 -3.09 -8.52 -5.45
N SER A 31 -2.26 -8.35 -4.40
CA SER A 31 -2.72 -8.37 -2.99
C SER A 31 -3.34 -7.01 -2.58
N SER A 32 -3.07 -5.96 -3.41
CA SER A 32 -3.59 -4.58 -3.26
C SER A 32 -3.28 -3.98 -1.86
N ARG A 33 -2.22 -4.49 -1.21
CA ARG A 33 -1.84 -4.10 0.16
C ARG A 33 -0.34 -3.79 0.19
N CYS A 34 0.05 -2.85 1.06
CA CYS A 34 1.47 -2.56 1.30
C CYS A 34 2.09 -3.72 2.09
N GLU A 35 2.69 -4.64 1.34
CA GLU A 35 3.27 -5.88 1.85
C GLU A 35 4.79 -5.70 2.00
N ASN A 36 5.47 -6.66 2.65
CA ASN A 36 6.93 -6.64 2.80
C ASN A 36 7.63 -6.89 1.43
N PRO A 37 8.73 -6.16 1.11
CA PRO A 37 9.54 -6.41 -0.12
C PRO A 37 10.16 -7.84 -0.12
N ASP A 1 -6.70 -0.68 10.20
CA ASP A 1 -7.93 -1.24 9.60
C ASP A 1 -8.78 -0.09 9.03
N GLY A 2 -8.82 0.02 7.69
CA GLY A 2 -9.55 1.10 7.00
C GLY A 2 -8.64 2.26 6.61
N GLU A 3 -7.54 2.39 7.36
CA GLU A 3 -6.39 3.24 7.03
C GLU A 3 -5.60 2.65 5.83
N CYS A 4 -4.39 3.17 5.55
CA CYS A 4 -3.60 2.72 4.40
C CYS A 4 -2.10 2.97 4.62
N GLY A 5 -1.27 1.92 4.42
CA GLY A 5 0.17 2.08 4.25
C GLY A 5 1.05 1.08 5.01
N ASP A 6 0.48 0.32 5.95
CA ASP A 6 1.25 -0.68 6.75
C ASP A 6 1.19 -2.10 6.15
N LYS A 7 1.94 -3.02 6.77
CA LYS A 7 1.95 -4.47 6.42
C LYS A 7 0.53 -5.06 6.59
N ASP A 8 0.06 -5.79 5.56
CA ASP A 8 -1.30 -6.39 5.49
C ASP A 8 -2.40 -5.32 5.61
N GLU A 9 -2.08 -4.08 5.20
CA GLU A 9 -3.02 -2.96 5.15
C GLU A 9 -3.12 -2.48 3.69
N PRO A 10 -4.36 -2.39 3.09
CA PRO A 10 -4.58 -1.85 1.72
C PRO A 10 -3.90 -0.49 1.49
N CYS A 11 -3.33 -0.29 0.29
CA CYS A 11 -2.68 0.98 -0.07
C CYS A 11 -3.73 1.94 -0.67
N CYS A 12 -3.67 3.21 -0.26
CA CYS A 12 -4.51 4.27 -0.83
C CYS A 12 -3.83 4.83 -2.09
N GLY A 13 -4.59 5.00 -3.17
CA GLY A 13 -4.06 5.43 -4.46
C GLY A 13 -4.18 6.92 -4.68
N ARG A 14 -3.12 7.51 -5.24
CA ARG A 14 -3.10 8.90 -5.72
C ARG A 14 -3.65 8.93 -7.16
N PRO A 15 -4.28 10.08 -7.61
CA PRO A 15 -4.80 10.23 -9.00
C PRO A 15 -3.74 9.97 -10.11
N ASP A 16 -2.48 10.34 -9.85
CA ASP A 16 -1.37 10.15 -10.81
C ASP A 16 -0.88 8.68 -10.86
N GLY A 17 -1.31 7.89 -9.85
CA GLY A 17 -1.06 6.44 -9.84
C GLY A 17 -0.05 5.97 -8.81
N ALA A 18 0.32 6.87 -7.87
CA ALA A 18 1.25 6.53 -6.77
C ALA A 18 0.53 5.72 -5.67
N LYS A 19 1.17 4.65 -5.17
CA LYS A 19 0.64 3.83 -4.06
C LYS A 19 1.24 4.31 -2.73
N VAL A 20 0.37 4.85 -1.85
CA VAL A 20 0.77 5.41 -0.55
C VAL A 20 0.99 4.28 0.48
N CYS A 21 2.27 3.96 0.71
CA CYS A 21 2.73 2.99 1.72
C CYS A 21 3.99 3.57 2.40
N ASN A 22 4.11 3.40 3.74
CA ASN A 22 5.30 3.87 4.49
C ASN A 22 6.45 2.85 4.31
N ASP A 23 7.70 3.34 4.23
CA ASP A 23 8.89 2.50 3.96
C ASP A 23 9.14 1.51 5.13
N PRO A 24 9.53 0.22 4.85
CA PRO A 24 9.87 -0.29 3.50
C PRO A 24 8.70 -0.96 2.74
N TRP A 25 7.45 -0.78 3.22
CA TRP A 25 6.27 -1.46 2.65
C TRP A 25 5.98 -0.94 1.21
N VAL A 26 5.89 -1.88 0.25
CA VAL A 26 5.52 -1.62 -1.16
C VAL A 26 4.15 -2.27 -1.42
N CYS A 27 3.19 -1.52 -1.99
CA CYS A 27 1.86 -2.06 -2.31
C CYS A 27 1.93 -3.01 -3.51
N ILE A 28 1.78 -4.31 -3.23
CA ILE A 28 1.67 -5.34 -4.27
C ILE A 28 0.24 -5.31 -4.83
N LEU A 29 0.11 -5.07 -6.14
CA LEU A 29 -1.20 -4.79 -6.80
C LEU A 29 -2.12 -6.03 -6.79
N THR A 30 -1.55 -7.24 -6.90
CA THR A 30 -2.32 -8.50 -6.97
C THR A 30 -2.86 -8.90 -5.57
N SER A 31 -2.19 -8.46 -4.48
CA SER A 31 -2.67 -8.65 -3.09
C SER A 31 -3.44 -7.39 -2.62
N SER A 32 -3.27 -6.29 -3.38
CA SER A 32 -3.89 -4.96 -3.14
C SER A 32 -3.59 -4.39 -1.72
N ARG A 33 -2.39 -4.69 -1.20
CA ARG A 33 -1.96 -4.27 0.16
C ARG A 33 -0.46 -3.94 0.20
N CYS A 34 -0.08 -3.02 1.10
CA CYS A 34 1.32 -2.69 1.37
C CYS A 34 1.98 -3.88 2.11
N GLU A 35 3.05 -4.43 1.52
CA GLU A 35 3.74 -5.64 1.99
C GLU A 35 5.25 -5.42 2.03
N ASN A 36 5.99 -6.41 2.57
CA ASN A 36 7.45 -6.42 2.52
C ASN A 36 7.91 -6.82 1.09
N PRO A 37 8.80 -5.99 0.43
CA PRO A 37 9.27 -6.24 -0.96
C PRO A 37 10.07 -7.58 -1.09
N ASP A 1 -7.73 -2.36 9.72
CA ASP A 1 -8.76 -2.80 8.74
C ASP A 1 -9.32 -1.57 8.00
N GLY A 2 -8.82 -1.31 6.77
CA GLY A 2 -9.37 -0.30 5.88
C GLY A 2 -8.45 0.89 5.66
N GLU A 3 -7.62 1.21 6.67
CA GLU A 3 -6.71 2.39 6.61
C GLU A 3 -5.41 2.03 5.88
N CYS A 4 -4.85 2.99 5.13
CA CYS A 4 -3.74 2.74 4.21
C CYS A 4 -2.38 3.18 4.78
N GLY A 5 -1.32 2.46 4.39
CA GLY A 5 0.06 2.80 4.75
C GLY A 5 0.71 1.79 5.68
N ASP A 6 -0.09 0.86 6.26
CA ASP A 6 0.43 -0.21 7.16
C ASP A 6 0.65 -1.52 6.39
N LYS A 7 1.46 -2.40 7.00
CA LYS A 7 1.76 -3.74 6.47
C LYS A 7 0.52 -4.65 6.66
N ASP A 8 0.14 -5.38 5.58
CA ASP A 8 -1.10 -6.17 5.45
C ASP A 8 -2.37 -5.31 5.54
N GLU A 9 -2.20 -4.01 5.30
CA GLU A 9 -3.29 -3.02 5.18
C GLU A 9 -3.21 -2.39 3.77
N PRO A 10 -4.36 -1.92 3.18
CA PRO A 10 -4.43 -1.39 1.79
C PRO A 10 -3.42 -0.25 1.53
N CYS A 11 -3.02 -0.10 0.27
CA CYS A 11 -2.30 1.09 -0.18
C CYS A 11 -3.31 2.02 -0.89
N CYS A 12 -3.44 3.27 -0.42
CA CYS A 12 -4.33 4.25 -1.04
C CYS A 12 -3.59 4.93 -2.20
N GLY A 13 -3.98 4.58 -3.44
CA GLY A 13 -3.33 5.09 -4.62
C GLY A 13 -3.78 6.50 -4.95
N ARG A 14 -2.80 7.43 -5.01
CA ARG A 14 -2.99 8.82 -5.48
C ARG A 14 -3.57 8.82 -6.93
N PRO A 15 -4.26 9.93 -7.39
CA PRO A 15 -4.92 10.01 -8.74
C PRO A 15 -4.07 9.45 -9.92
N ASP A 16 -2.75 9.71 -9.90
CA ASP A 16 -1.79 9.25 -10.94
C ASP A 16 -1.55 7.73 -10.85
N GLY A 17 -1.63 7.19 -9.62
CA GLY A 17 -1.43 5.75 -9.34
C GLY A 17 -0.30 5.48 -8.35
N ALA A 18 0.15 6.54 -7.63
CA ALA A 18 1.21 6.42 -6.61
C ALA A 18 0.63 5.88 -5.27
N LYS A 19 0.88 4.59 -5.00
CA LYS A 19 0.34 3.88 -3.82
C LYS A 19 1.03 4.38 -2.53
N VAL A 20 0.23 4.85 -1.56
CA VAL A 20 0.75 5.35 -0.28
C VAL A 20 1.07 4.17 0.66
N CYS A 21 2.37 3.91 0.79
CA CYS A 21 2.94 2.90 1.69
C CYS A 21 4.24 3.45 2.30
N ASN A 22 4.42 3.26 3.62
CA ASN A 22 5.64 3.70 4.31
C ASN A 22 6.77 2.68 4.07
N ASP A 23 8.01 3.18 3.99
CA ASP A 23 9.19 2.35 3.68
C ASP A 23 9.53 1.39 4.87
N PRO A 24 10.03 0.13 4.62
CA PRO A 24 10.36 -0.39 3.27
C PRO A 24 9.19 -1.14 2.58
N TRP A 25 7.97 -1.00 3.14
CA TRP A 25 6.78 -1.73 2.69
C TRP A 25 6.32 -1.23 1.31
N VAL A 26 6.33 -2.13 0.32
CA VAL A 26 5.85 -1.86 -1.05
C VAL A 26 4.48 -2.54 -1.25
N CYS A 27 3.53 -1.81 -1.85
CA CYS A 27 2.20 -2.35 -2.15
C CYS A 27 2.24 -3.24 -3.41
N ILE A 28 1.82 -4.49 -3.26
CA ILE A 28 1.59 -5.41 -4.39
C ILE A 28 0.20 -5.10 -4.99
N LEU A 29 0.11 -5.07 -6.33
CA LEU A 29 -1.13 -4.66 -7.04
C LEU A 29 -2.22 -5.74 -6.88
N THR A 30 -1.81 -7.02 -6.95
CA THR A 30 -2.71 -8.20 -6.86
C THR A 30 -3.48 -8.21 -5.52
N SER A 31 -2.80 -7.78 -4.45
CA SER A 31 -3.37 -7.71 -3.08
C SER A 31 -3.94 -6.30 -2.79
N SER A 32 -3.37 -5.30 -3.49
CA SER A 32 -3.61 -3.84 -3.27
C SER A 32 -3.36 -3.43 -1.80
N ARG A 33 -2.40 -4.10 -1.14
CA ARG A 33 -2.02 -3.83 0.26
C ARG A 33 -0.50 -3.54 0.34
N CYS A 34 -0.12 -2.63 1.24
CA CYS A 34 1.30 -2.40 1.59
C CYS A 34 1.83 -3.63 2.35
N GLU A 35 2.95 -4.19 1.90
CA GLU A 35 3.56 -5.40 2.51
C GLU A 35 5.06 -5.44 2.16
N ASN A 36 5.74 -6.58 2.43
CA ASN A 36 7.21 -6.71 2.21
C ASN A 36 7.59 -6.46 0.73
N PRO A 37 8.87 -6.02 0.46
CA PRO A 37 9.41 -5.97 -0.92
C PRO A 37 9.56 -7.41 -1.50
N ASP A 1 -9.71 1.02 11.68
CA ASP A 1 -10.03 -0.01 10.66
C ASP A 1 -10.32 0.69 9.32
N GLY A 2 -9.76 0.15 8.21
CA GLY A 2 -9.98 0.71 6.87
C GLY A 2 -9.06 1.88 6.56
N GLU A 3 -7.84 1.83 7.13
CA GLU A 3 -6.80 2.84 6.93
C GLU A 3 -5.69 2.28 6.01
N CYS A 4 -4.88 3.16 5.39
CA CYS A 4 -3.92 2.76 4.33
C CYS A 4 -2.53 3.37 4.56
N GLY A 5 -1.47 2.54 4.34
CA GLY A 5 -0.09 2.99 4.44
C GLY A 5 0.79 2.15 5.34
N ASP A 6 0.25 1.03 5.87
CA ASP A 6 1.01 0.08 6.72
C ASP A 6 1.05 -1.31 6.08
N LYS A 7 1.98 -2.18 6.56
CA LYS A 7 2.09 -3.58 6.09
C LYS A 7 0.85 -4.39 6.48
N ASP A 8 0.42 -5.27 5.56
CA ASP A 8 -0.81 -6.08 5.63
C ASP A 8 -2.07 -5.21 5.81
N GLU A 9 -1.95 -3.91 5.47
CA GLU A 9 -3.07 -2.96 5.39
C GLU A 9 -3.19 -2.52 3.91
N PRO A 10 -4.44 -2.24 3.39
CA PRO A 10 -4.67 -1.87 1.97
C PRO A 10 -3.83 -0.65 1.54
N CYS A 11 -3.31 -0.67 0.32
CA CYS A 11 -2.57 0.47 -0.23
C CYS A 11 -3.55 1.36 -1.02
N CYS A 12 -3.72 2.62 -0.57
CA CYS A 12 -4.66 3.55 -1.21
C CYS A 12 -3.96 4.30 -2.35
N GLY A 13 -4.60 4.33 -3.53
CA GLY A 13 -4.03 4.96 -4.71
C GLY A 13 -4.34 6.44 -4.78
N ARG A 14 -3.38 7.22 -5.31
CA ARG A 14 -3.54 8.66 -5.55
C ARG A 14 -3.75 8.91 -7.07
N PRO A 15 -4.39 10.06 -7.49
CA PRO A 15 -4.70 10.34 -8.92
C PRO A 15 -3.46 10.43 -9.85
N ASP A 16 -2.28 10.71 -9.25
CA ASP A 16 -1.00 10.80 -10.00
C ASP A 16 -0.51 9.39 -10.42
N GLY A 17 -0.95 8.37 -9.65
CA GLY A 17 -0.65 6.98 -9.94
C GLY A 17 0.40 6.40 -9.01
N ALA A 18 0.35 6.80 -7.72
CA ALA A 18 1.27 6.29 -6.68
C ALA A 18 0.50 5.53 -5.58
N LYS A 19 1.11 4.44 -5.10
CA LYS A 19 0.57 3.62 -4.00
C LYS A 19 1.06 4.17 -2.65
N VAL A 20 0.12 4.50 -1.75
CA VAL A 20 0.43 4.98 -0.39
C VAL A 20 0.82 3.79 0.50
N CYS A 21 2.14 3.64 0.70
CA CYS A 21 2.75 2.63 1.56
C CYS A 21 4.02 3.24 2.18
N ASN A 22 4.22 3.03 3.49
CA ASN A 22 5.40 3.57 4.19
C ASN A 22 6.62 2.67 3.92
N ASP A 23 7.80 3.28 3.77
CA ASP A 23 9.06 2.55 3.53
C ASP A 23 9.43 1.72 4.80
N PRO A 24 10.03 0.49 4.65
CA PRO A 24 10.42 -0.11 3.36
C PRO A 24 9.34 -1.03 2.73
N TRP A 25 8.07 -0.86 3.15
CA TRP A 25 6.95 -1.72 2.71
C TRP A 25 6.38 -1.16 1.39
N VAL A 26 6.21 -2.04 0.38
CA VAL A 26 5.71 -1.67 -0.96
C VAL A 26 4.41 -2.45 -1.25
N CYS A 27 3.47 -1.85 -2.03
CA CYS A 27 2.19 -2.49 -2.36
C CYS A 27 2.32 -3.43 -3.56
N ILE A 28 1.79 -4.65 -3.39
CA ILE A 28 1.62 -5.62 -4.48
C ILE A 28 0.18 -5.46 -5.01
N LEU A 29 0.04 -5.16 -6.32
CA LEU A 29 -1.26 -4.83 -6.95
C LEU A 29 -2.25 -6.02 -6.89
N THR A 30 -1.70 -7.26 -6.94
CA THR A 30 -2.47 -8.51 -6.82
C THR A 30 -3.19 -8.60 -5.46
N SER A 31 -2.48 -8.21 -4.39
CA SER A 31 -2.99 -8.26 -3.02
C SER A 31 -3.70 -6.95 -2.62
N SER A 32 -3.47 -5.88 -3.42
CA SER A 32 -3.98 -4.49 -3.19
C SER A 32 -3.62 -3.95 -1.78
N ARG A 33 -2.51 -4.45 -1.20
CA ARG A 33 -2.07 -4.08 0.16
C ARG A 33 -0.55 -3.89 0.21
N CYS A 34 -0.10 -3.02 1.12
CA CYS A 34 1.34 -2.81 1.38
C CYS A 34 1.90 -4.03 2.13
N GLU A 35 3.06 -4.55 1.69
CA GLU A 35 3.71 -5.76 2.27
C GLU A 35 5.24 -5.62 2.22
N ASN A 36 5.95 -6.70 2.63
CA ASN A 36 7.43 -6.79 2.56
C ASN A 36 7.90 -6.91 1.09
N PRO A 37 8.99 -6.18 0.68
CA PRO A 37 9.59 -6.36 -0.66
C PRO A 37 10.29 -7.76 -0.80
N ASP A 1 -6.46 -1.02 11.33
CA ASP A 1 -7.31 -1.71 10.32
C ASP A 1 -8.18 -0.69 9.58
N GLY A 2 -8.56 -1.01 8.32
CA GLY A 2 -9.48 -0.17 7.54
C GLY A 2 -8.88 1.19 7.16
N GLU A 3 -7.55 1.26 7.12
CA GLU A 3 -6.78 2.47 6.78
C GLU A 3 -5.91 2.17 5.55
N CYS A 4 -4.93 3.03 5.21
CA CYS A 4 -4.08 2.79 4.02
C CYS A 4 -2.66 3.33 4.21
N GLY A 5 -1.67 2.59 3.68
CA GLY A 5 -0.26 3.00 3.73
C GLY A 5 0.48 2.52 4.97
N ASP A 6 0.08 1.33 5.45
CA ASP A 6 0.68 0.68 6.65
C ASP A 6 0.98 -0.81 6.34
N LYS A 7 1.57 -1.53 7.31
CA LYS A 7 2.00 -2.94 7.15
C LYS A 7 0.76 -3.86 7.09
N ASP A 8 0.69 -4.72 6.04
CA ASP A 8 -0.45 -5.64 5.76
C ASP A 8 -1.78 -4.88 5.52
N GLU A 9 -1.68 -3.58 5.18
CA GLU A 9 -2.86 -2.68 5.07
C GLU A 9 -2.99 -2.18 3.62
N PRO A 10 -4.23 -2.23 3.00
CA PRO A 10 -4.47 -1.83 1.59
C PRO A 10 -3.85 -0.47 1.21
N CYS A 11 -3.17 -0.41 0.06
CA CYS A 11 -2.55 0.82 -0.45
C CYS A 11 -3.62 1.68 -1.12
N CYS A 12 -3.79 2.94 -0.66
CA CYS A 12 -4.71 3.89 -1.31
C CYS A 12 -4.02 4.51 -2.53
N GLY A 13 -4.73 4.51 -3.67
CA GLY A 13 -4.20 5.00 -4.91
C GLY A 13 -4.20 6.52 -5.00
N ARG A 14 -3.00 7.10 -5.14
CA ARG A 14 -2.80 8.53 -5.41
C ARG A 14 -3.49 8.97 -6.73
N PRO A 15 -4.03 10.22 -6.81
CA PRO A 15 -4.59 10.79 -8.07
C PRO A 15 -3.51 10.90 -9.19
N ASP A 16 -2.23 11.06 -8.77
CA ASP A 16 -1.08 11.08 -9.70
C ASP A 16 -0.75 9.67 -10.23
N GLY A 17 -1.14 8.64 -9.49
CA GLY A 17 -1.03 7.23 -9.93
C GLY A 17 -0.03 6.40 -9.14
N ALA A 18 0.44 6.93 -8.00
CA ALA A 18 1.31 6.18 -7.07
C ALA A 18 0.47 5.36 -6.08
N LYS A 19 1.11 4.37 -5.44
CA LYS A 19 0.48 3.58 -4.35
C LYS A 19 1.00 4.12 -2.99
N VAL A 20 0.07 4.47 -2.09
CA VAL A 20 0.43 4.96 -0.74
C VAL A 20 0.82 3.77 0.15
N CYS A 21 2.12 3.70 0.45
CA CYS A 21 2.70 2.68 1.32
C CYS A 21 3.87 3.30 2.12
N ASN A 22 3.97 2.92 3.40
CA ASN A 22 5.07 3.34 4.28
C ASN A 22 6.32 2.48 3.98
N ASP A 23 7.52 3.09 4.05
CA ASP A 23 8.78 2.39 3.72
C ASP A 23 9.15 1.38 4.84
N PRO A 24 9.76 0.19 4.52
CA PRO A 24 10.10 -0.24 3.13
C PRO A 24 9.01 -1.14 2.49
N TRP A 25 7.78 -1.07 3.03
CA TRP A 25 6.66 -1.93 2.61
C TRP A 25 6.12 -1.47 1.24
N VAL A 26 6.01 -2.40 0.29
CA VAL A 26 5.54 -2.14 -1.09
C VAL A 26 4.13 -2.71 -1.27
N CYS A 27 3.26 -2.02 -2.04
CA CYS A 27 1.93 -2.55 -2.39
C CYS A 27 2.05 -3.55 -3.54
N ILE A 28 1.75 -4.82 -3.24
CA ILE A 28 1.67 -5.89 -4.25
C ILE A 28 0.32 -5.75 -4.97
N LEU A 29 0.34 -5.55 -6.32
CA LEU A 29 -0.86 -5.24 -7.12
C LEU A 29 -1.95 -6.35 -7.04
N THR A 30 -1.53 -7.60 -6.77
CA THR A 30 -2.44 -8.73 -6.55
C THR A 30 -3.25 -8.56 -5.23
N SER A 31 -2.53 -8.29 -4.13
CA SER A 31 -3.10 -8.20 -2.77
C SER A 31 -3.66 -6.80 -2.46
N SER A 32 -3.27 -5.81 -3.32
CA SER A 32 -3.61 -4.39 -3.19
C SER A 32 -3.26 -3.82 -1.80
N ARG A 33 -2.18 -4.34 -1.16
CA ARG A 33 -1.78 -3.91 0.21
C ARG A 33 -0.25 -3.90 0.41
N CYS A 34 0.19 -2.99 1.30
CA CYS A 34 1.60 -2.71 1.55
C CYS A 34 2.23 -3.78 2.48
N GLU A 35 2.88 -4.77 1.86
CA GLU A 35 3.55 -5.88 2.57
C GLU A 35 5.07 -5.84 2.32
N ASN A 36 5.80 -6.88 2.79
CA ASN A 36 7.26 -6.95 2.66
C ASN A 36 7.67 -7.12 1.17
N PRO A 37 8.67 -6.31 0.68
CA PRO A 37 9.27 -6.52 -0.68
C PRO A 37 10.09 -7.83 -0.75
N ASP A 1 -5.29 0.50 12.84
CA ASP A 1 -6.57 -0.08 12.37
C ASP A 1 -7.29 0.91 11.44
N GLY A 2 -7.86 0.38 10.34
CA GLY A 2 -8.76 1.12 9.46
C GLY A 2 -8.09 2.23 8.64
N GLU A 3 -6.80 2.09 8.35
CA GLU A 3 -6.04 3.07 7.53
C GLU A 3 -5.67 2.45 6.17
N CYS A 4 -4.82 3.14 5.41
CA CYS A 4 -4.28 2.63 4.13
C CYS A 4 -2.76 2.86 4.10
N GLY A 5 -2.04 1.94 3.45
CA GLY A 5 -0.62 2.12 3.17
C GLY A 5 0.33 1.47 4.18
N ASP A 6 -0.21 0.63 5.08
CA ASP A 6 0.58 -0.02 6.16
C ASP A 6 0.67 -1.52 5.94
N LYS A 7 1.36 -2.22 6.86
CA LYS A 7 1.64 -3.67 6.76
C LYS A 7 0.33 -4.48 6.70
N ASP A 8 0.15 -5.18 5.58
CA ASP A 8 -1.02 -6.05 5.28
C ASP A 8 -2.31 -5.24 5.13
N GLU A 9 -2.15 -3.93 4.85
CA GLU A 9 -3.25 -2.97 4.75
C GLU A 9 -3.25 -2.38 3.32
N PRO A 10 -4.43 -2.36 2.60
CA PRO A 10 -4.54 -1.90 1.17
C PRO A 10 -3.93 -0.50 0.94
N CYS A 11 -3.21 -0.34 -0.18
CA CYS A 11 -2.58 0.95 -0.56
C CYS A 11 -3.62 1.88 -1.18
N CYS A 12 -3.71 3.11 -0.66
CA CYS A 12 -4.56 4.18 -1.24
C CYS A 12 -3.83 4.81 -2.45
N GLY A 13 -4.59 5.22 -3.46
CA GLY A 13 -4.03 5.71 -4.73
C GLY A 13 -4.06 7.22 -4.82
N ARG A 14 -2.89 7.83 -5.07
CA ARG A 14 -2.77 9.25 -5.42
C ARG A 14 -3.45 9.53 -6.79
N PRO A 15 -3.95 10.78 -7.06
CA PRO A 15 -4.61 11.14 -8.34
C PRO A 15 -3.68 10.94 -9.57
N ASP A 16 -2.36 11.15 -9.35
CA ASP A 16 -1.31 10.92 -10.37
C ASP A 16 -1.07 9.40 -10.59
N GLY A 17 -1.36 8.58 -9.55
CA GLY A 17 -1.29 7.11 -9.67
C GLY A 17 -0.30 6.44 -8.72
N ALA A 18 0.37 7.23 -7.86
CA ALA A 18 1.35 6.70 -6.89
C ALA A 18 0.63 5.91 -5.75
N LYS A 19 0.94 4.62 -5.63
CA LYS A 19 0.41 3.75 -4.56
C LYS A 19 1.06 4.16 -3.22
N VAL A 20 0.24 4.67 -2.31
CA VAL A 20 0.67 5.18 -1.01
C VAL A 20 0.94 4.01 -0.05
N CYS A 21 2.22 3.90 0.35
CA CYS A 21 2.69 2.93 1.34
C CYS A 21 3.87 3.56 2.10
N ASN A 22 3.96 3.34 3.42
CA ASN A 22 5.12 3.77 4.21
C ASN A 22 6.23 2.72 4.05
N ASP A 23 7.48 3.18 3.87
CA ASP A 23 8.63 2.30 3.62
C ASP A 23 8.95 1.43 4.87
N PRO A 24 9.39 0.14 4.70
CA PRO A 24 9.70 -0.51 3.40
C PRO A 24 8.51 -1.30 2.78
N TRP A 25 7.28 -1.05 3.26
CA TRP A 25 6.07 -1.75 2.76
C TRP A 25 5.76 -1.27 1.33
N VAL A 26 5.75 -2.20 0.38
CA VAL A 26 5.43 -1.94 -1.03
C VAL A 26 4.06 -2.52 -1.34
N CYS A 27 3.21 -1.76 -2.06
CA CYS A 27 1.88 -2.25 -2.46
C CYS A 27 2.04 -3.34 -3.54
N ILE A 28 1.99 -4.59 -3.07
CA ILE A 28 2.08 -5.78 -3.92
C ILE A 28 0.73 -5.95 -4.60
N LEU A 29 0.68 -5.74 -5.94
CA LEU A 29 -0.58 -5.69 -6.75
C LEU A 29 -1.37 -7.01 -6.64
N THR A 30 -0.62 -8.11 -6.49
CA THR A 30 -1.16 -9.46 -6.34
C THR A 30 -2.13 -9.55 -5.13
N SER A 31 -1.68 -9.01 -3.99
CA SER A 31 -2.46 -8.98 -2.74
C SER A 31 -3.19 -7.62 -2.55
N SER A 32 -2.86 -6.65 -3.43
CA SER A 32 -3.41 -5.25 -3.44
C SER A 32 -3.24 -4.54 -2.07
N ARG A 33 -2.11 -4.80 -1.38
CA ARG A 33 -1.82 -4.28 -0.03
C ARG A 33 -0.34 -3.92 0.10
N CYS A 34 -0.05 -2.93 0.97
CA CYS A 34 1.33 -2.57 1.32
C CYS A 34 1.91 -3.66 2.25
N GLU A 35 2.68 -4.55 1.64
CA GLU A 35 3.24 -5.73 2.29
C GLU A 35 4.77 -5.70 2.13
N ASN A 36 5.48 -6.54 2.92
CA ASN A 36 6.96 -6.66 2.85
C ASN A 36 7.41 -7.08 1.44
N PRO A 37 8.61 -6.62 0.96
CA PRO A 37 9.23 -7.11 -0.31
C PRO A 37 9.43 -8.65 -0.32
N ASP A 1 -7.71 -2.27 8.53
CA ASP A 1 -8.97 -1.79 7.91
C ASP A 1 -9.19 -0.31 8.30
N GLY A 2 -9.94 0.42 7.47
CA GLY A 2 -10.28 1.83 7.72
C GLY A 2 -9.20 2.81 7.26
N GLU A 3 -7.94 2.37 7.27
CA GLU A 3 -6.77 3.19 6.89
C GLU A 3 -6.02 2.52 5.73
N CYS A 4 -4.83 3.03 5.40
CA CYS A 4 -4.06 2.54 4.25
C CYS A 4 -2.57 2.79 4.44
N GLY A 5 -1.75 1.90 3.87
CA GLY A 5 -0.32 2.16 3.67
C GLY A 5 0.63 1.54 4.68
N ASP A 6 0.21 0.43 5.32
CA ASP A 6 1.08 -0.37 6.24
C ASP A 6 1.15 -1.82 5.75
N LYS A 7 2.01 -2.62 6.38
CA LYS A 7 2.18 -4.05 6.07
C LYS A 7 0.86 -4.80 6.40
N ASP A 8 0.29 -5.52 5.39
CA ASP A 8 -1.03 -6.20 5.44
C ASP A 8 -2.20 -5.21 5.52
N GLU A 9 -1.94 -3.95 5.16
CA GLU A 9 -2.95 -2.88 5.13
C GLU A 9 -3.08 -2.37 3.67
N PRO A 10 -4.31 -2.49 3.04
CA PRO A 10 -4.59 -2.05 1.64
C PRO A 10 -4.04 -0.65 1.33
N CYS A 11 -3.21 -0.56 0.27
CA CYS A 11 -2.58 0.71 -0.12
C CYS A 11 -3.60 1.61 -0.83
N CYS A 12 -3.70 2.88 -0.40
CA CYS A 12 -4.55 3.88 -1.04
C CYS A 12 -3.78 4.51 -2.22
N GLY A 13 -4.17 4.13 -3.45
CA GLY A 13 -3.53 4.63 -4.66
C GLY A 13 -4.02 6.04 -5.00
N ARG A 14 -3.08 7.00 -5.10
CA ARG A 14 -3.37 8.39 -5.47
C ARG A 14 -3.75 8.49 -6.97
N PRO A 15 -4.52 9.56 -7.39
CA PRO A 15 -4.96 9.72 -8.79
C PRO A 15 -3.80 9.84 -9.80
N ASP A 16 -2.65 10.37 -9.33
CA ASP A 16 -1.45 10.54 -10.17
C ASP A 16 -0.78 9.16 -10.42
N GLY A 17 -0.98 8.23 -9.47
CA GLY A 17 -0.47 6.84 -9.57
C GLY A 17 0.46 6.46 -8.43
N ALA A 18 0.68 7.38 -7.48
CA ALA A 18 1.55 7.13 -6.31
C ALA A 18 0.81 6.29 -5.25
N LYS A 19 1.21 5.02 -5.09
CA LYS A 19 0.66 4.13 -4.06
C LYS A 19 1.17 4.56 -2.68
N VAL A 20 0.25 4.93 -1.78
CA VAL A 20 0.59 5.38 -0.43
C VAL A 20 0.92 4.17 0.46
N CYS A 21 2.21 4.04 0.78
CA CYS A 21 2.76 3.01 1.68
C CYS A 21 4.01 3.58 2.35
N ASN A 22 4.19 3.32 3.66
CA ASN A 22 5.42 3.72 4.37
C ASN A 22 6.53 2.69 4.03
N ASP A 23 7.74 3.18 3.76
CA ASP A 23 8.89 2.34 3.37
C ASP A 23 9.35 1.50 4.60
N PRO A 24 9.82 0.22 4.40
CA PRO A 24 10.08 -0.39 3.08
C PRO A 24 8.85 -1.08 2.45
N TRP A 25 7.69 -1.02 3.12
CA TRP A 25 6.47 -1.76 2.70
C TRP A 25 5.99 -1.24 1.34
N VAL A 26 6.15 -2.08 0.30
CA VAL A 26 5.71 -1.78 -1.08
C VAL A 26 4.33 -2.41 -1.32
N CYS A 27 3.44 -1.69 -2.04
CA CYS A 27 2.10 -2.20 -2.38
C CYS A 27 2.15 -3.12 -3.60
N ILE A 28 1.78 -4.38 -3.39
CA ILE A 28 1.57 -5.37 -4.45
C ILE A 28 0.07 -5.34 -4.81
N LEU A 29 -0.25 -4.97 -6.07
CA LEU A 29 -1.65 -4.78 -6.54
C LEU A 29 -2.43 -6.11 -6.56
N THR A 30 -1.71 -7.25 -6.65
CA THR A 30 -2.30 -8.60 -6.62
C THR A 30 -3.02 -8.83 -5.27
N SER A 31 -2.37 -8.40 -4.18
CA SER A 31 -2.93 -8.44 -2.81
C SER A 31 -3.56 -7.07 -2.43
N SER A 32 -3.30 -6.05 -3.28
CA SER A 32 -3.77 -4.65 -3.13
C SER A 32 -3.38 -4.02 -1.76
N ARG A 33 -2.29 -4.53 -1.15
CA ARG A 33 -1.82 -4.12 0.20
C ARG A 33 -0.32 -3.81 0.16
N CYS A 34 0.13 -2.91 1.05
CA CYS A 34 1.56 -2.67 1.28
C CYS A 34 2.11 -3.87 2.07
N GLU A 35 3.33 -4.32 1.74
CA GLU A 35 3.88 -5.58 2.26
C GLU A 35 5.41 -5.57 2.16
N ASN A 36 6.08 -6.53 2.86
CA ASN A 36 7.54 -6.68 2.83
C ASN A 36 8.05 -7.00 1.40
N PRO A 37 9.06 -6.23 0.86
CA PRO A 37 9.75 -6.58 -0.41
C PRO A 37 10.46 -7.97 -0.33
N ASP A 1 -4.13 0.52 12.12
CA ASP A 1 -5.18 -0.45 11.79
C ASP A 1 -6.46 0.31 11.42
N GLY A 2 -6.86 0.20 10.14
CA GLY A 2 -8.10 0.81 9.65
C GLY A 2 -7.85 1.82 8.55
N GLU A 3 -6.71 2.54 8.61
CA GLU A 3 -6.27 3.45 7.53
C GLU A 3 -5.31 2.70 6.60
N CYS A 4 -5.16 3.22 5.39
CA CYS A 4 -4.45 2.54 4.28
C CYS A 4 -2.94 2.81 4.34
N GLY A 5 -2.13 1.80 3.93
CA GLY A 5 -0.69 1.99 3.71
C GLY A 5 0.24 1.17 4.60
N ASP A 6 -0.31 0.43 5.58
CA ASP A 6 0.49 -0.34 6.55
C ASP A 6 0.69 -1.81 6.09
N LYS A 7 1.43 -2.58 6.89
CA LYS A 7 1.81 -3.96 6.55
C LYS A 7 0.57 -4.88 6.61
N ASP A 8 0.33 -5.62 5.49
CA ASP A 8 -0.88 -6.45 5.25
C ASP A 8 -2.18 -5.61 5.25
N GLU A 9 -2.05 -4.29 5.10
CA GLU A 9 -3.18 -3.35 5.10
C GLU A 9 -3.38 -2.82 3.68
N PRO A 10 -4.64 -2.85 3.13
CA PRO A 10 -5.00 -2.28 1.80
C PRO A 10 -4.38 -0.88 1.56
N CYS A 11 -3.56 -0.77 0.51
CA CYS A 11 -2.94 0.50 0.11
C CYS A 11 -3.98 1.38 -0.61
N CYS A 12 -3.84 2.69 -0.43
CA CYS A 12 -4.62 3.68 -1.18
C CYS A 12 -3.72 4.22 -2.30
N GLY A 13 -4.30 4.56 -3.45
CA GLY A 13 -3.53 5.00 -4.61
C GLY A 13 -3.77 6.46 -4.97
N ARG A 14 -2.68 7.16 -5.31
CA ARG A 14 -2.73 8.50 -5.88
C ARG A 14 -3.26 8.43 -7.33
N PRO A 15 -4.00 9.47 -7.83
CA PRO A 15 -4.49 9.49 -9.24
C PRO A 15 -3.32 9.58 -10.26
N ASP A 16 -2.19 10.14 -9.81
CA ASP A 16 -0.93 10.21 -10.60
C ASP A 16 -0.21 8.85 -10.68
N GLY A 17 -0.70 7.87 -9.89
CA GLY A 17 -0.27 6.47 -10.01
C GLY A 17 0.66 5.98 -8.91
N ALA A 18 1.00 6.86 -7.95
CA ALA A 18 1.89 6.51 -6.82
C ALA A 18 1.12 5.73 -5.73
N LYS A 19 1.67 4.59 -5.29
CA LYS A 19 1.04 3.73 -4.27
C LYS A 19 1.41 4.24 -2.86
N VAL A 20 0.39 4.58 -2.05
CA VAL A 20 0.58 5.14 -0.71
C VAL A 20 0.78 4.00 0.30
N CYS A 21 2.02 3.89 0.79
CA CYS A 21 2.42 2.95 1.84
C CYS A 21 3.52 3.60 2.68
N ASN A 22 3.61 3.26 3.98
CA ASN A 22 4.68 3.78 4.84
C ASN A 22 5.96 2.99 4.52
N ASP A 23 7.06 3.72 4.23
CA ASP A 23 8.32 3.12 3.76
C ASP A 23 8.90 2.16 4.84
N PRO A 24 9.50 0.99 4.46
CA PRO A 24 9.79 0.58 3.08
C PRO A 24 8.73 -0.36 2.46
N TRP A 25 7.56 -0.51 3.12
CA TRP A 25 6.49 -1.43 2.66
C TRP A 25 5.94 -0.95 1.30
N VAL A 26 5.86 -1.88 0.32
CA VAL A 26 5.37 -1.61 -1.04
C VAL A 26 4.00 -2.24 -1.25
N CYS A 27 3.11 -1.56 -1.99
CA CYS A 27 1.79 -2.11 -2.33
C CYS A 27 1.88 -3.01 -3.57
N ILE A 28 1.67 -4.31 -3.36
CA ILE A 28 1.59 -5.30 -4.45
C ILE A 28 0.21 -5.16 -5.09
N LEU A 29 0.18 -4.88 -6.41
CA LEU A 29 -1.07 -4.54 -7.15
C LEU A 29 -2.06 -5.73 -7.21
N THR A 30 -1.55 -6.96 -7.13
CA THR A 30 -2.38 -8.18 -7.08
C THR A 30 -3.25 -8.20 -5.81
N SER A 31 -2.59 -7.99 -4.67
CA SER A 31 -3.21 -8.05 -3.34
C SER A 31 -3.81 -6.68 -2.93
N SER A 32 -3.35 -5.63 -3.63
CA SER A 32 -3.68 -4.20 -3.35
C SER A 32 -3.42 -3.80 -1.88
N ARG A 33 -2.40 -4.43 -1.25
CA ARG A 33 -1.99 -4.16 0.15
C ARG A 33 -0.47 -3.95 0.24
N CYS A 34 -0.04 -3.14 1.21
CA CYS A 34 1.38 -2.84 1.45
C CYS A 34 2.03 -3.98 2.26
N GLU A 35 2.95 -4.71 1.63
CA GLU A 35 3.72 -5.81 2.24
C GLU A 35 5.21 -5.54 2.10
N ASN A 36 6.04 -6.54 2.42
CA ASN A 36 7.51 -6.46 2.24
C ASN A 36 7.88 -6.29 0.74
N PRO A 37 9.02 -5.61 0.41
CA PRO A 37 9.56 -5.57 -0.99
C PRO A 37 10.22 -6.93 -1.36
N ASP A 1 -7.85 -2.10 9.29
CA ASP A 1 -9.18 -1.74 8.74
C ASP A 1 -9.47 -0.26 8.99
N GLY A 2 -9.64 0.53 7.90
CA GLY A 2 -10.02 1.94 7.99
C GLY A 2 -8.89 2.87 7.60
N GLU A 3 -7.65 2.45 7.89
CA GLU A 3 -6.43 3.17 7.46
C GLU A 3 -5.88 2.53 6.18
N CYS A 4 -4.71 3.00 5.71
CA CYS A 4 -4.09 2.49 4.49
C CYS A 4 -2.57 2.69 4.53
N GLY A 5 -1.84 1.73 3.93
CA GLY A 5 -0.40 1.90 3.66
C GLY A 5 0.54 1.17 4.61
N ASP A 6 -0.02 0.38 5.53
CA ASP A 6 0.77 -0.35 6.54
C ASP A 6 1.11 -1.76 6.03
N LYS A 7 1.99 -2.44 6.76
CA LYS A 7 2.45 -3.79 6.43
C LYS A 7 1.29 -4.79 6.63
N ASP A 8 0.96 -5.55 5.57
CA ASP A 8 -0.20 -6.48 5.49
C ASP A 8 -1.55 -5.72 5.62
N GLU A 9 -1.55 -4.45 5.18
CA GLU A 9 -2.73 -3.56 5.23
C GLU A 9 -2.97 -2.98 3.81
N PRO A 10 -4.27 -2.83 3.35
CA PRO A 10 -4.60 -2.30 2.00
C PRO A 10 -3.96 -0.91 1.75
N CYS A 11 -3.32 -0.76 0.59
CA CYS A 11 -2.70 0.51 0.16
C CYS A 11 -3.77 1.42 -0.46
N CYS A 12 -3.67 2.72 -0.18
CA CYS A 12 -4.49 3.74 -0.85
C CYS A 12 -3.71 4.26 -2.06
N GLY A 13 -4.34 4.24 -3.24
CA GLY A 13 -3.68 4.62 -4.50
C GLY A 13 -3.90 6.08 -4.84
N ARG A 14 -2.80 6.82 -5.08
CA ARG A 14 -2.83 8.19 -5.61
C ARG A 14 -3.35 8.18 -7.07
N PRO A 15 -4.13 9.23 -7.50
CA PRO A 15 -4.66 9.33 -8.90
C PRO A 15 -3.54 9.35 -9.98
N ASP A 16 -2.34 9.78 -9.57
CA ASP A 16 -1.14 9.81 -10.44
C ASP A 16 -0.48 8.42 -10.58
N GLY A 17 -0.95 7.44 -9.78
CA GLY A 17 -0.54 6.04 -9.93
C GLY A 17 0.29 5.51 -8.78
N ALA A 18 0.74 6.40 -7.88
CA ALA A 18 1.64 6.03 -6.76
C ALA A 18 0.88 5.26 -5.68
N LYS A 19 1.57 4.36 -4.98
CA LYS A 19 0.98 3.56 -3.88
C LYS A 19 1.39 4.18 -2.55
N VAL A 20 0.41 4.65 -1.77
CA VAL A 20 0.66 5.24 -0.44
C VAL A 20 0.91 4.12 0.57
N CYS A 21 2.20 3.84 0.74
CA CYS A 21 2.72 2.90 1.74
C CYS A 21 3.80 3.62 2.55
N ASN A 22 3.86 3.36 3.87
CA ASN A 22 4.95 3.90 4.71
C ASN A 22 6.20 3.03 4.49
N ASP A 23 7.36 3.69 4.34
CA ASP A 23 8.65 3.05 4.01
C ASP A 23 9.06 2.01 5.09
N PRO A 24 9.70 0.85 4.71
CA PRO A 24 10.07 0.49 3.33
C PRO A 24 9.05 -0.44 2.62
N TRP A 25 7.76 -0.40 3.05
CA TRP A 25 6.72 -1.32 2.51
C TRP A 25 6.26 -0.86 1.14
N VAL A 26 5.99 -1.82 0.24
CA VAL A 26 5.54 -1.57 -1.14
C VAL A 26 4.23 -2.34 -1.39
N CYS A 27 3.27 -1.69 -2.05
CA CYS A 27 1.96 -2.30 -2.35
C CYS A 27 2.05 -3.17 -3.61
N ILE A 28 1.67 -4.44 -3.45
CA ILE A 28 1.47 -5.37 -4.57
C ILE A 28 0.10 -5.05 -5.18
N LEU A 29 0.10 -4.75 -6.48
CA LEU A 29 -1.03 -4.12 -7.19
C LEU A 29 -2.30 -5.00 -7.14
N THR A 30 -2.10 -6.31 -7.39
CA THR A 30 -3.19 -7.30 -7.50
C THR A 30 -3.88 -7.54 -6.14
N SER A 31 -3.08 -7.57 -5.07
CA SER A 31 -3.57 -7.78 -3.69
C SER A 31 -4.06 -6.45 -3.06
N SER A 32 -3.65 -5.33 -3.69
CA SER A 32 -3.97 -3.95 -3.26
C SER A 32 -3.58 -3.68 -1.79
N ARG A 33 -2.43 -4.27 -1.35
CA ARG A 33 -1.95 -4.17 0.04
C ARG A 33 -0.45 -3.85 0.08
N CYS A 34 -0.04 -2.97 1.01
CA CYS A 34 1.37 -2.72 1.30
C CYS A 34 1.93 -3.89 2.12
N GLU A 35 3.04 -4.46 1.66
CA GLU A 35 3.67 -5.63 2.27
C GLU A 35 5.21 -5.51 2.08
N ASN A 36 5.98 -6.40 2.74
CA ASN A 36 7.45 -6.38 2.66
C ASN A 36 7.93 -6.72 1.21
N PRO A 37 8.92 -5.96 0.64
CA PRO A 37 9.52 -6.28 -0.68
C PRO A 37 10.31 -7.64 -0.65
N ASP A 1 -6.62 -0.58 11.20
CA ASP A 1 -7.57 -0.87 10.11
C ASP A 1 -8.18 0.43 9.59
N GLY A 2 -8.35 0.51 8.25
CA GLY A 2 -8.95 1.68 7.60
C GLY A 2 -7.91 2.67 7.08
N GLU A 3 -6.71 2.68 7.70
CA GLU A 3 -5.58 3.49 7.23
C GLU A 3 -4.82 2.71 6.13
N CYS A 4 -3.82 3.36 5.52
CA CYS A 4 -3.11 2.81 4.37
C CYS A 4 -1.59 2.84 4.59
N GLY A 5 -0.89 1.85 4.02
CA GLY A 5 0.57 1.87 3.96
C GLY A 5 1.25 0.85 4.85
N ASP A 6 0.48 0.20 5.71
CA ASP A 6 1.01 -0.79 6.68
C ASP A 6 0.92 -2.22 6.13
N LYS A 7 1.57 -3.18 6.81
CA LYS A 7 1.63 -4.59 6.35
C LYS A 7 0.22 -5.22 6.38
N ASP A 8 -0.22 -5.74 5.20
CA ASP A 8 -1.56 -6.29 4.95
C ASP A 8 -2.70 -5.25 5.06
N GLU A 9 -2.33 -3.96 5.01
CA GLU A 9 -3.27 -2.85 4.92
C GLU A 9 -3.23 -2.30 3.48
N PRO A 10 -4.42 -1.99 2.85
CA PRO A 10 -4.50 -1.53 1.44
C PRO A 10 -3.70 -0.24 1.20
N CYS A 11 -2.96 -0.17 0.08
CA CYS A 11 -2.19 1.02 -0.28
C CYS A 11 -3.15 2.09 -0.85
N CYS A 12 -2.99 3.33 -0.37
CA CYS A 12 -3.86 4.45 -0.78
C CYS A 12 -3.43 4.96 -2.15
N GLY A 13 -4.26 4.64 -3.15
CA GLY A 13 -4.02 5.02 -4.53
C GLY A 13 -4.39 6.47 -4.81
N ARG A 14 -3.36 7.30 -5.00
CA ARG A 14 -3.50 8.70 -5.39
C ARG A 14 -4.04 8.81 -6.84
N PRO A 15 -4.90 9.85 -7.15
CA PRO A 15 -5.57 10.03 -8.49
C PRO A 15 -4.63 9.89 -9.72
N ASP A 16 -3.38 10.37 -9.59
CA ASP A 16 -2.38 10.35 -10.69
C ASP A 16 -1.91 8.92 -11.03
N GLY A 17 -2.11 7.98 -10.07
CA GLY A 17 -1.80 6.56 -10.27
C GLY A 17 -0.77 6.02 -9.28
N ALA A 18 -0.37 6.87 -8.32
CA ALA A 18 0.67 6.50 -7.32
C ALA A 18 0.10 5.60 -6.21
N LYS A 19 0.81 4.49 -5.92
CA LYS A 19 0.51 3.61 -4.78
C LYS A 19 1.35 4.08 -3.58
N VAL A 20 0.69 4.57 -2.53
CA VAL A 20 1.38 5.10 -1.33
C VAL A 20 1.40 4.05 -0.21
N CYS A 21 2.62 3.76 0.27
CA CYS A 21 2.85 2.94 1.46
C CYS A 21 3.96 3.58 2.31
N ASN A 22 3.90 3.40 3.63
CA ASN A 22 4.98 3.81 4.54
C ASN A 22 6.05 2.71 4.60
N ASP A 23 7.32 3.11 4.64
CA ASP A 23 8.48 2.19 4.60
C ASP A 23 8.54 1.32 5.90
N PRO A 24 9.04 0.04 5.84
CA PRO A 24 9.63 -0.59 4.63
C PRO A 24 8.61 -1.38 3.77
N TRP A 25 7.32 -1.04 3.88
CA TRP A 25 6.23 -1.74 3.18
C TRP A 25 6.06 -1.16 1.75
N VAL A 26 5.83 -2.05 0.78
CA VAL A 26 5.60 -1.71 -0.63
C VAL A 26 4.28 -2.34 -1.10
N CYS A 27 3.47 -1.59 -1.87
CA CYS A 27 2.17 -2.08 -2.35
C CYS A 27 2.34 -3.13 -3.45
N ILE A 28 2.01 -4.38 -3.11
CA ILE A 28 1.96 -5.48 -4.06
C ILE A 28 0.61 -5.37 -4.81
N LEU A 29 0.70 -5.10 -6.13
CA LEU A 29 -0.46 -4.78 -6.99
C LEU A 29 -1.46 -5.95 -7.10
N THR A 30 -0.94 -7.19 -6.93
CA THR A 30 -1.75 -8.42 -6.95
C THR A 30 -2.76 -8.41 -5.78
N SER A 31 -2.27 -8.07 -4.58
CA SER A 31 -3.05 -8.06 -3.33
C SER A 31 -3.63 -6.66 -3.02
N SER A 32 -3.18 -5.64 -3.80
CA SER A 32 -3.54 -4.19 -3.65
C SER A 32 -3.26 -3.64 -2.23
N ARG A 33 -2.26 -4.23 -1.54
CA ARG A 33 -1.93 -3.89 -0.14
C ARG A 33 -0.41 -3.82 0.06
N CYS A 34 0.00 -3.00 1.02
CA CYS A 34 1.41 -2.82 1.38
C CYS A 34 1.88 -4.01 2.23
N GLU A 35 2.96 -4.67 1.81
CA GLU A 35 3.57 -5.82 2.52
C GLU A 35 5.10 -5.73 2.45
N ASN A 36 5.79 -6.67 3.13
CA ASN A 36 7.26 -6.77 3.08
C ASN A 36 7.72 -7.25 1.69
N PRO A 37 8.87 -6.73 1.16
CA PRO A 37 9.48 -7.23 -0.11
C PRO A 37 9.84 -8.75 -0.03
N ASP A 1 -7.96 -2.09 8.58
CA ASP A 1 -9.00 -1.22 7.93
C ASP A 1 -9.04 0.16 8.63
N GLY A 2 -9.64 1.15 7.95
CA GLY A 2 -9.71 2.53 8.45
C GLY A 2 -8.49 3.37 8.05
N GLU A 3 -7.33 2.68 7.93
CA GLU A 3 -6.04 3.26 7.50
C GLU A 3 -5.64 2.65 6.15
N CYS A 4 -4.52 3.10 5.56
CA CYS A 4 -4.03 2.55 4.28
C CYS A 4 -2.50 2.65 4.21
N GLY A 5 -1.88 1.64 3.58
CA GLY A 5 -0.47 1.70 3.21
C GLY A 5 0.50 1.09 4.20
N ASP A 6 0.01 0.23 5.10
CA ASP A 6 0.83 -0.44 6.14
C ASP A 6 0.98 -1.94 5.83
N LYS A 7 1.70 -2.63 6.72
CA LYS A 7 1.91 -4.09 6.63
C LYS A 7 0.56 -4.85 6.73
N ASP A 8 0.26 -5.66 5.68
CA ASP A 8 -1.01 -6.42 5.52
C ASP A 8 -2.23 -5.47 5.48
N GLU A 9 -2.00 -4.23 5.03
CA GLU A 9 -3.04 -3.18 4.97
C GLU A 9 -3.17 -2.66 3.53
N PRO A 10 -4.40 -2.67 2.92
CA PRO A 10 -4.67 -2.16 1.55
C PRO A 10 -4.06 -0.77 1.30
N CYS A 11 -3.25 -0.67 0.23
CA CYS A 11 -2.60 0.59 -0.15
C CYS A 11 -3.63 1.48 -0.86
N CYS A 12 -3.70 2.75 -0.45
CA CYS A 12 -4.56 3.77 -1.09
C CYS A 12 -3.86 4.32 -2.35
N GLY A 13 -4.62 4.80 -3.34
CA GLY A 13 -4.05 5.27 -4.61
C GLY A 13 -3.98 6.79 -4.71
N ARG A 14 -2.80 7.31 -5.12
CA ARG A 14 -2.55 8.76 -5.35
C ARG A 14 -3.36 9.27 -6.57
N PRO A 15 -3.63 10.62 -6.65
CA PRO A 15 -4.27 11.24 -7.85
C PRO A 15 -3.48 10.99 -9.15
N ASP A 16 -2.14 10.97 -9.02
CA ASP A 16 -1.21 10.69 -10.13
C ASP A 16 -1.16 9.17 -10.46
N GLY A 17 -1.40 8.32 -9.44
CA GLY A 17 -1.52 6.87 -9.65
C GLY A 17 -0.51 6.01 -8.90
N ALA A 18 0.38 6.64 -8.11
CA ALA A 18 1.35 5.88 -7.27
C ALA A 18 0.63 5.21 -6.08
N LYS A 19 1.12 4.04 -5.67
CA LYS A 19 0.51 3.28 -4.54
C LYS A 19 1.11 3.77 -3.22
N VAL A 20 0.24 4.22 -2.32
CA VAL A 20 0.64 4.79 -1.02
C VAL A 20 0.97 3.67 -0.04
N CYS A 21 2.25 3.55 0.27
CA CYS A 21 2.75 2.70 1.36
C CYS A 21 3.83 3.47 2.11
N ASN A 22 3.85 3.38 3.44
CA ASN A 22 4.90 4.01 4.26
C ASN A 22 6.16 3.17 4.17
N ASP A 23 7.33 3.83 4.21
CA ASP A 23 8.64 3.16 3.99
C ASP A 23 8.93 2.14 5.11
N PRO A 24 9.54 0.95 4.79
CA PRO A 24 9.92 0.53 3.43
C PRO A 24 8.90 -0.43 2.75
N TRP A 25 7.66 -0.48 3.27
CA TRP A 25 6.62 -1.40 2.77
C TRP A 25 6.23 -1.04 1.31
N VAL A 26 5.99 -2.06 0.47
CA VAL A 26 5.61 -1.89 -0.96
C VAL A 26 4.27 -2.60 -1.24
N CYS A 27 3.38 -1.93 -1.99
CA CYS A 27 2.06 -2.48 -2.34
C CYS A 27 2.16 -3.45 -3.52
N ILE A 28 1.89 -4.73 -3.24
CA ILE A 28 1.73 -5.76 -4.27
C ILE A 28 0.33 -5.60 -4.86
N LEU A 29 0.25 -5.31 -6.18
CA LEU A 29 -1.00 -4.92 -6.88
C LEU A 29 -2.03 -6.08 -6.85
N THR A 30 -1.54 -7.32 -6.94
CA THR A 30 -2.38 -8.54 -6.96
C THR A 30 -3.19 -8.66 -5.65
N SER A 31 -2.53 -8.41 -4.51
CA SER A 31 -3.15 -8.45 -3.18
C SER A 31 -3.67 -7.05 -2.76
N SER A 32 -3.28 -6.02 -3.55
CA SER A 32 -3.65 -4.59 -3.36
C SER A 32 -3.32 -4.05 -1.93
N ARG A 33 -2.28 -4.63 -1.29
CA ARG A 33 -1.89 -4.29 0.10
C ARG A 33 -0.36 -4.24 0.23
N CYS A 34 0.14 -3.42 1.17
CA CYS A 34 1.58 -3.19 1.35
C CYS A 34 2.20 -4.31 2.21
N GLU A 35 3.12 -5.07 1.60
CA GLU A 35 3.93 -6.10 2.28
C GLU A 35 5.35 -5.56 2.47
N ASN A 36 6.30 -6.41 2.89
CA ASN A 36 7.71 -6.00 3.13
C ASN A 36 8.42 -5.70 1.79
N PRO A 37 9.51 -4.86 1.78
CA PRO A 37 10.31 -4.59 0.56
C PRO A 37 10.94 -5.89 -0.03
N ASP A 1 -7.28 -3.46 9.25
CA ASP A 1 -7.70 -2.57 10.36
C ASP A 1 -8.46 -1.35 9.83
N GLY A 2 -8.04 -0.83 8.65
CA GLY A 2 -8.66 0.35 8.04
C GLY A 2 -7.67 1.48 7.78
N GLU A 3 -6.40 1.30 8.20
CA GLU A 3 -5.32 2.28 7.92
C GLU A 3 -4.68 1.94 6.56
N CYS A 4 -4.35 2.96 5.76
CA CYS A 4 -3.84 2.74 4.39
C CYS A 4 -2.31 2.82 4.37
N GLY A 5 -1.68 1.87 3.65
CA GLY A 5 -0.24 1.94 3.38
C GLY A 5 0.64 1.15 4.35
N ASP A 6 0.03 0.48 5.32
CA ASP A 6 0.75 -0.35 6.33
C ASP A 6 0.80 -1.82 5.90
N LYS A 7 1.43 -2.67 6.75
CA LYS A 7 1.69 -4.09 6.45
C LYS A 7 0.36 -4.87 6.34
N ASP A 8 0.14 -5.51 5.16
CA ASP A 8 -1.11 -6.21 4.78
C ASP A 8 -2.34 -5.29 4.79
N GLU A 9 -2.11 -3.97 4.75
CA GLU A 9 -3.18 -2.94 4.79
C GLU A 9 -3.31 -2.30 3.40
N PRO A 10 -4.57 -2.03 2.92
CA PRO A 10 -4.84 -1.51 1.55
C PRO A 10 -4.09 -0.19 1.28
N CYS A 11 -3.25 -0.17 0.23
CA CYS A 11 -2.43 1.00 -0.11
C CYS A 11 -3.32 2.09 -0.74
N CYS A 12 -3.24 3.33 -0.21
CA CYS A 12 -4.05 4.46 -0.69
C CYS A 12 -3.45 5.02 -1.99
N GLY A 13 -4.24 4.98 -3.07
CA GLY A 13 -3.76 5.28 -4.41
C GLY A 13 -3.94 6.74 -4.80
N ARG A 14 -2.84 7.37 -5.22
CA ARG A 14 -2.83 8.66 -5.90
C ARG A 14 -3.64 8.60 -7.22
N PRO A 15 -4.38 9.69 -7.61
CA PRO A 15 -5.08 9.75 -8.92
C PRO A 15 -4.12 9.69 -10.14
N ASP A 16 -2.82 9.96 -9.89
CA ASP A 16 -1.74 9.84 -10.90
C ASP A 16 -1.19 8.38 -11.00
N GLY A 17 -1.63 7.51 -10.08
CA GLY A 17 -1.33 6.07 -10.13
C GLY A 17 -0.33 5.60 -9.09
N ALA A 18 0.29 6.53 -8.34
CA ALA A 18 1.31 6.19 -7.34
C ALA A 18 0.68 5.52 -6.11
N LYS A 19 1.35 4.48 -5.58
CA LYS A 19 0.87 3.73 -4.41
C LYS A 19 1.53 4.27 -3.13
N VAL A 20 0.70 4.83 -2.23
CA VAL A 20 1.17 5.41 -0.97
C VAL A 20 1.26 4.31 0.10
N CYS A 21 2.50 3.96 0.44
CA CYS A 21 2.83 3.05 1.54
C CYS A 21 3.88 3.72 2.42
N ASN A 22 3.87 3.42 3.73
CA ASN A 22 4.93 3.87 4.64
C ASN A 22 6.11 2.89 4.55
N ASP A 23 7.33 3.39 4.79
CA ASP A 23 8.55 2.58 4.70
C ASP A 23 8.60 1.52 5.85
N PRO A 24 9.14 0.27 5.59
CA PRO A 24 9.68 -0.18 4.29
C PRO A 24 8.65 -0.91 3.38
N TRP A 25 7.35 -0.80 3.72
CA TRP A 25 6.28 -1.57 3.04
C TRP A 25 6.03 -1.03 1.61
N VAL A 26 5.93 -1.94 0.64
CA VAL A 26 5.63 -1.64 -0.77
C VAL A 26 4.30 -2.32 -1.17
N CYS A 27 3.44 -1.63 -1.96
CA CYS A 27 2.12 -2.16 -2.32
C CYS A 27 2.23 -3.17 -3.47
N ILE A 28 1.78 -4.41 -3.19
CA ILE A 28 1.58 -5.43 -4.22
C ILE A 28 0.19 -5.18 -4.82
N LEU A 29 0.13 -4.93 -6.15
CA LEU A 29 -1.11 -4.53 -6.84
C LEU A 29 -2.16 -5.67 -6.81
N THR A 30 -1.67 -6.91 -6.99
CA THR A 30 -2.51 -8.12 -6.99
C THR A 30 -3.25 -8.31 -5.64
N SER A 31 -2.61 -7.89 -4.54
CA SER A 31 -3.19 -7.95 -3.18
C SER A 31 -3.84 -6.60 -2.79
N SER A 32 -3.48 -5.54 -3.55
CA SER A 32 -3.89 -4.13 -3.34
C SER A 32 -3.55 -3.65 -1.91
N ARG A 33 -2.40 -4.13 -1.37
CA ARG A 33 -1.97 -3.82 0.02
C ARG A 33 -0.44 -3.76 0.12
N CYS A 34 0.06 -2.94 1.06
CA CYS A 34 1.50 -2.76 1.29
C CYS A 34 2.05 -3.87 2.17
N GLU A 35 2.95 -4.70 1.61
CA GLU A 35 3.63 -5.79 2.33
C GLU A 35 5.14 -5.58 2.26
N ASN A 36 5.90 -6.48 2.89
CA ASN A 36 7.38 -6.45 2.87
C ASN A 36 7.94 -6.68 1.43
N PRO A 37 9.00 -5.91 1.01
CA PRO A 37 9.66 -6.09 -0.30
C PRO A 37 10.23 -7.52 -0.48
N ASP A 1 -7.08 0.69 12.61
CA ASP A 1 -8.05 0.36 11.53
C ASP A 1 -8.50 1.62 10.80
N GLY A 2 -9.17 1.43 9.64
CA GLY A 2 -9.58 2.54 8.77
C GLY A 2 -8.37 3.28 8.20
N GLU A 3 -7.27 2.53 8.00
CA GLU A 3 -5.97 3.07 7.59
C GLU A 3 -5.54 2.47 6.24
N CYS A 4 -4.41 2.94 5.71
CA CYS A 4 -3.89 2.48 4.40
C CYS A 4 -2.38 2.66 4.32
N GLY A 5 -1.73 1.78 3.54
CA GLY A 5 -0.30 1.92 3.25
C GLY A 5 0.62 1.21 4.25
N ASP A 6 0.03 0.51 5.21
CA ASP A 6 0.77 -0.20 6.27
C ASP A 6 0.95 -1.67 5.88
N LYS A 7 1.64 -2.43 6.75
CA LYS A 7 1.93 -3.87 6.53
C LYS A 7 0.61 -4.68 6.58
N ASP A 8 0.35 -5.43 5.48
CA ASP A 8 -0.92 -6.17 5.23
C ASP A 8 -2.14 -5.21 5.21
N GLU A 9 -1.93 -3.99 4.70
CA GLU A 9 -2.99 -2.96 4.65
C GLU A 9 -3.08 -2.37 3.23
N PRO A 10 -4.31 -2.39 2.58
CA PRO A 10 -4.56 -1.82 1.23
C PRO A 10 -3.79 -0.51 0.94
N CYS A 11 -2.97 -0.51 -0.12
CA CYS A 11 -2.18 0.66 -0.51
C CYS A 11 -3.12 1.67 -1.20
N CYS A 12 -3.30 2.83 -0.58
CA CYS A 12 -4.27 3.85 -1.03
C CYS A 12 -3.68 4.66 -2.19
N GLY A 13 -4.22 4.44 -3.39
CA GLY A 13 -3.71 5.04 -4.60
C GLY A 13 -4.17 6.49 -4.78
N ARG A 14 -3.19 7.40 -4.88
CA ARG A 14 -3.41 8.82 -5.23
C ARG A 14 -4.04 8.95 -6.65
N PRO A 15 -4.77 10.08 -6.96
CA PRO A 15 -5.42 10.31 -8.28
C PRO A 15 -4.48 10.21 -9.52
N ASP A 16 -3.16 10.40 -9.30
CA ASP A 16 -2.15 10.34 -10.40
C ASP A 16 -1.73 8.88 -10.71
N GLY A 17 -1.88 7.99 -9.71
CA GLY A 17 -1.53 6.57 -9.84
C GLY A 17 -0.47 6.10 -8.85
N ALA A 18 -0.07 7.00 -7.93
CA ALA A 18 0.96 6.70 -6.92
C ALA A 18 0.41 5.79 -5.79
N LYS A 19 1.05 4.63 -5.57
CA LYS A 19 0.71 3.69 -4.50
C LYS A 19 1.32 4.18 -3.18
N VAL A 20 0.47 4.63 -2.26
CA VAL A 20 0.89 5.11 -0.94
C VAL A 20 1.15 3.91 -0.01
N CYS A 21 2.44 3.73 0.32
CA CYS A 21 2.92 2.78 1.33
C CYS A 21 4.05 3.44 2.11
N ASN A 22 4.04 3.30 3.44
CA ASN A 22 5.15 3.78 4.28
C ASN A 22 6.29 2.74 4.21
N ASP A 23 7.51 3.19 3.88
CA ASP A 23 8.68 2.31 3.72
C ASP A 23 9.04 1.63 5.08
N PRO A 24 9.52 0.35 5.08
CA PRO A 24 9.93 -0.41 3.86
C PRO A 24 8.79 -1.22 3.20
N TRP A 25 7.53 -1.05 3.64
CA TRP A 25 6.38 -1.82 3.12
C TRP A 25 6.10 -1.42 1.67
N VAL A 26 6.04 -2.40 0.76
CA VAL A 26 5.83 -2.18 -0.68
C VAL A 26 4.45 -2.72 -1.09
N CYS A 27 3.70 -1.98 -1.95
CA CYS A 27 2.39 -2.45 -2.42
C CYS A 27 2.58 -3.51 -3.51
N ILE A 28 2.17 -4.75 -3.19
CA ILE A 28 2.03 -5.82 -4.17
C ILE A 28 0.70 -5.58 -4.90
N LEU A 29 0.78 -5.22 -6.19
CA LEU A 29 -0.37 -4.73 -7.00
C LEU A 29 -1.45 -5.81 -7.16
N THR A 30 -1.04 -7.10 -7.10
CA THR A 30 -1.95 -8.26 -7.16
C THR A 30 -2.95 -8.21 -5.97
N SER A 31 -2.39 -8.11 -4.76
CA SER A 31 -3.17 -8.05 -3.51
C SER A 31 -3.64 -6.60 -3.20
N SER A 32 -3.07 -5.62 -3.94
CA SER A 32 -3.34 -4.17 -3.82
C SER A 32 -3.15 -3.67 -2.37
N ARG A 33 -2.18 -4.28 -1.65
CA ARG A 33 -1.86 -3.95 -0.25
C ARG A 33 -0.34 -3.88 -0.05
N CYS A 34 0.09 -3.04 0.89
CA CYS A 34 1.51 -2.91 1.25
C CYS A 34 1.89 -4.05 2.20
N GLU A 35 2.84 -4.90 1.80
CA GLU A 35 3.35 -6.00 2.64
C GLU A 35 4.85 -5.85 2.85
N ASN A 36 5.40 -6.69 3.76
CA ASN A 36 6.83 -6.66 4.11
C ASN A 36 7.68 -7.25 2.94
N PRO A 37 8.80 -6.58 2.55
CA PRO A 37 9.78 -7.15 1.58
C PRO A 37 10.67 -8.25 2.24
N ASP A 1 -7.84 -2.52 8.04
CA ASP A 1 -8.86 -1.78 7.26
C ASP A 1 -9.35 -0.59 8.09
N GLY A 2 -9.53 0.57 7.44
CA GLY A 2 -9.81 1.84 8.12
C GLY A 2 -8.66 2.82 7.99
N GLU A 3 -7.43 2.27 7.88
CA GLU A 3 -6.20 3.01 7.57
C GLU A 3 -5.62 2.45 6.26
N CYS A 4 -4.66 3.16 5.65
CA CYS A 4 -4.08 2.73 4.36
C CYS A 4 -2.57 2.98 4.33
N GLY A 5 -1.82 2.01 3.78
CA GLY A 5 -0.38 2.14 3.56
C GLY A 5 0.48 1.33 4.52
N ASP A 6 -0.16 0.53 5.37
CA ASP A 6 0.51 -0.23 6.45
C ASP A 6 0.87 -1.65 5.98
N LYS A 7 1.63 -2.36 6.84
CA LYS A 7 2.14 -3.72 6.58
C LYS A 7 0.95 -4.71 6.54
N ASP A 8 0.81 -5.42 5.40
CA ASP A 8 -0.31 -6.36 5.10
C ASP A 8 -1.68 -5.63 5.02
N GLU A 9 -1.64 -4.31 4.78
CA GLU A 9 -2.85 -3.44 4.86
C GLU A 9 -3.02 -2.64 3.55
N PRO A 10 -4.28 -2.55 2.98
CA PRO A 10 -4.59 -1.84 1.70
C PRO A 10 -3.86 -0.50 1.51
N CYS A 11 -3.28 -0.29 0.32
CA CYS A 11 -2.59 0.96 -0.03
C CYS A 11 -3.57 1.90 -0.74
N CYS A 12 -3.65 3.15 -0.26
CA CYS A 12 -4.49 4.19 -0.89
C CYS A 12 -3.68 4.85 -2.03
N GLY A 13 -3.99 4.43 -3.26
CA GLY A 13 -3.27 4.88 -4.45
C GLY A 13 -3.85 6.17 -5.02
N ARG A 14 -3.01 7.23 -5.05
CA ARG A 14 -3.34 8.55 -5.64
C ARG A 14 -3.75 8.41 -7.14
N PRO A 15 -4.60 9.36 -7.71
CA PRO A 15 -5.09 9.28 -9.12
C PRO A 15 -3.95 9.25 -10.19
N ASP A 16 -2.76 9.77 -9.83
CA ASP A 16 -1.56 9.77 -10.71
C ASP A 16 -0.76 8.45 -10.63
N GLY A 17 -1.28 7.46 -9.88
CA GLY A 17 -0.65 6.14 -9.76
C GLY A 17 0.48 6.13 -8.73
N ALA A 18 0.27 6.79 -7.58
CA ALA A 18 1.22 6.77 -6.46
C ALA A 18 0.58 6.05 -5.25
N LYS A 19 0.91 4.76 -5.08
CA LYS A 19 0.41 3.93 -3.98
C LYS A 19 1.08 4.37 -2.67
N VAL A 20 0.28 4.98 -1.77
CA VAL A 20 0.77 5.49 -0.50
C VAL A 20 1.00 4.32 0.47
N CYS A 21 2.28 4.11 0.81
CA CYS A 21 2.74 3.08 1.75
C CYS A 21 3.90 3.66 2.59
N ASN A 22 3.95 3.29 3.87
CA ASN A 22 5.09 3.66 4.75
C ASN A 22 6.25 2.66 4.47
N ASP A 23 7.49 3.17 4.52
CA ASP A 23 8.68 2.36 4.17
C ASP A 23 8.99 1.32 5.28
N PRO A 24 9.54 0.11 4.95
CA PRO A 24 9.94 -0.31 3.58
C PRO A 24 8.86 -1.17 2.86
N TRP A 25 7.58 -0.96 3.21
CA TRP A 25 6.47 -1.79 2.71
C TRP A 25 6.04 -1.31 1.32
N VAL A 26 6.17 -2.19 0.32
CA VAL A 26 5.78 -1.93 -1.07
C VAL A 26 4.38 -2.52 -1.34
N CYS A 27 3.47 -1.73 -1.96
CA CYS A 27 2.11 -2.19 -2.28
C CYS A 27 2.13 -3.03 -3.57
N ILE A 28 1.81 -4.33 -3.41
CA ILE A 28 1.62 -5.25 -4.53
C ILE A 28 0.19 -5.04 -5.07
N LEU A 29 0.07 -4.86 -6.40
CA LEU A 29 -1.23 -4.56 -7.07
C LEU A 29 -2.22 -5.72 -6.90
N THR A 30 -1.70 -6.95 -7.03
CA THR A 30 -2.49 -8.20 -6.96
C THR A 30 -3.20 -8.35 -5.60
N SER A 31 -2.53 -7.92 -4.54
CA SER A 31 -3.03 -7.97 -3.17
C SER A 31 -3.68 -6.64 -2.74
N SER A 32 -3.34 -5.57 -3.50
CA SER A 32 -3.72 -4.16 -3.25
C SER A 32 -3.33 -3.68 -1.81
N ARG A 33 -2.23 -4.23 -1.26
CA ARG A 33 -1.79 -3.95 0.13
C ARG A 33 -0.24 -3.81 0.21
N CYS A 34 0.23 -2.97 1.15
CA CYS A 34 1.67 -2.71 1.34
C CYS A 34 2.32 -3.83 2.19
N GLU A 35 3.00 -4.75 1.51
CA GLU A 35 3.71 -5.89 2.14
C GLU A 35 5.22 -5.69 2.06
N ASN A 36 5.97 -6.73 2.49
CA ASN A 36 7.44 -6.77 2.40
C ASN A 36 7.92 -6.79 0.91
N PRO A 37 9.20 -6.40 0.63
CA PRO A 37 9.84 -6.65 -0.69
C PRO A 37 9.95 -8.18 -0.98
N ASP A 1 -7.80 -3.58 8.27
CA ASP A 1 -8.53 -3.01 7.11
C ASP A 1 -9.23 -1.71 7.55
N GLY A 2 -9.51 -0.83 6.57
CA GLY A 2 -10.24 0.44 6.79
C GLY A 2 -9.31 1.65 6.77
N GLU A 3 -8.06 1.43 7.19
CA GLU A 3 -6.98 2.44 7.15
C GLU A 3 -5.92 2.00 6.12
N CYS A 4 -4.96 2.87 5.79
CA CYS A 4 -3.98 2.61 4.71
C CYS A 4 -2.60 3.17 5.04
N GLY A 5 -1.55 2.43 4.65
CA GLY A 5 -0.15 2.89 4.77
C GLY A 5 0.64 2.23 5.91
N ASP A 6 0.30 0.97 6.22
CA ASP A 6 1.06 0.13 7.20
C ASP A 6 1.44 -1.22 6.56
N LYS A 7 2.22 -2.01 7.31
CA LYS A 7 2.66 -3.35 6.91
C LYS A 7 1.45 -4.30 6.92
N ASP A 8 1.20 -4.97 5.76
CA ASP A 8 0.04 -5.88 5.53
C ASP A 8 -1.32 -5.15 5.70
N GLU A 9 -1.32 -3.85 5.40
CA GLU A 9 -2.52 -2.98 5.46
C GLU A 9 -2.85 -2.54 4.01
N PRO A 10 -4.17 -2.45 3.58
CA PRO A 10 -4.56 -1.92 2.24
C PRO A 10 -3.86 -0.58 1.91
N CYS A 11 -3.53 -0.35 0.63
CA CYS A 11 -2.87 0.89 0.20
C CYS A 11 -3.90 1.83 -0.43
N CYS A 12 -3.89 3.11 -0.03
CA CYS A 12 -4.68 4.16 -0.67
C CYS A 12 -3.88 4.67 -1.91
N GLY A 13 -4.11 4.00 -3.06
CA GLY A 13 -3.38 4.25 -4.29
C GLY A 13 -3.90 5.45 -5.06
N ARG A 14 -3.03 6.45 -5.29
CA ARG A 14 -3.40 7.68 -6.04
C ARG A 14 -3.32 7.40 -7.57
N PRO A 15 -4.23 8.01 -8.41
CA PRO A 15 -4.33 7.68 -9.87
C PRO A 15 -3.11 8.13 -10.71
N ASP A 16 -2.25 8.96 -10.11
CA ASP A 16 -0.95 9.37 -10.69
C ASP A 16 0.11 8.26 -10.54
N GLY A 17 -0.15 7.31 -9.63
CA GLY A 17 0.70 6.13 -9.41
C GLY A 17 1.23 6.02 -7.99
N ALA A 18 1.11 7.10 -7.20
CA ALA A 18 1.68 7.15 -5.84
C ALA A 18 0.78 6.41 -4.84
N LYS A 19 1.14 5.16 -4.56
CA LYS A 19 0.44 4.32 -3.59
C LYS A 19 0.96 4.65 -2.19
N VAL A 20 0.05 5.12 -1.33
CA VAL A 20 0.40 5.59 0.03
C VAL A 20 0.63 4.37 0.94
N CYS A 21 1.92 4.03 1.04
CA CYS A 21 2.46 2.97 1.91
C CYS A 21 3.65 3.55 2.70
N ASN A 22 3.88 2.98 3.88
CA ASN A 22 5.09 3.28 4.68
C ASN A 22 6.28 2.47 4.11
N ASP A 23 7.47 3.09 4.06
CA ASP A 23 8.69 2.45 3.53
C ASP A 23 9.23 1.41 4.55
N PRO A 24 9.87 0.29 4.08
CA PRO A 24 10.11 -0.04 2.66
C PRO A 24 9.01 -0.93 2.04
N TRP A 25 7.81 -0.92 2.64
CA TRP A 25 6.70 -1.80 2.25
C TRP A 25 6.01 -1.21 1.01
N VAL A 26 5.90 -2.03 -0.06
CA VAL A 26 5.31 -1.61 -1.35
C VAL A 26 3.92 -2.25 -1.51
N CYS A 27 2.99 -1.52 -2.14
CA CYS A 27 1.65 -2.03 -2.46
C CYS A 27 1.69 -2.80 -3.79
N ILE A 28 1.48 -4.12 -3.71
CA ILE A 28 1.30 -4.99 -4.89
C ILE A 28 -0.14 -4.79 -5.37
N LEU A 29 -0.33 -4.31 -6.62
CA LEU A 29 -1.66 -3.94 -7.16
C LEU A 29 -2.66 -5.13 -7.17
N THR A 30 -2.11 -6.38 -7.25
CA THR A 30 -2.91 -7.63 -7.19
C THR A 30 -3.68 -7.74 -5.86
N SER A 31 -2.95 -7.63 -4.76
CA SER A 31 -3.50 -7.75 -3.39
C SER A 31 -3.99 -6.38 -2.87
N SER A 32 -3.50 -5.31 -3.53
CA SER A 32 -3.75 -3.88 -3.18
C SER A 32 -3.45 -3.56 -1.70
N ARG A 33 -2.31 -4.07 -1.20
CA ARG A 33 -1.89 -3.86 0.21
C ARG A 33 -0.36 -3.76 0.31
N CYS A 34 0.10 -2.91 1.25
CA CYS A 34 1.52 -2.60 1.45
C CYS A 34 2.23 -3.75 2.18
N GLU A 35 2.74 -4.71 1.39
CA GLU A 35 3.49 -5.88 1.89
C GLU A 35 5.00 -5.68 1.64
N ASN A 36 5.79 -6.75 1.89
CA ASN A 36 7.25 -6.76 1.69
C ASN A 36 7.60 -6.53 0.18
N PRO A 37 8.66 -5.72 -0.14
CA PRO A 37 9.17 -5.56 -1.53
C PRO A 37 9.77 -6.89 -2.09
N ASP A 1 -8.05 0.22 11.82
CA ASP A 1 -9.33 0.42 11.07
C ASP A 1 -9.33 1.76 10.32
N GLY A 2 -9.81 1.78 9.07
CA GLY A 2 -9.86 2.98 8.22
C GLY A 2 -8.48 3.52 7.84
N GLU A 3 -7.46 2.65 7.93
CA GLU A 3 -6.06 2.99 7.62
C GLU A 3 -5.64 2.41 6.26
N CYS A 4 -4.54 2.94 5.69
CA CYS A 4 -4.06 2.53 4.38
C CYS A 4 -2.57 2.87 4.23
N GLY A 5 -1.71 1.84 4.15
CA GLY A 5 -0.28 2.08 3.95
C GLY A 5 0.65 1.18 4.73
N ASP A 6 0.09 0.39 5.65
CA ASP A 6 0.87 -0.49 6.55
C ASP A 6 0.99 -1.90 5.99
N LYS A 7 1.79 -2.73 6.68
CA LYS A 7 2.10 -4.11 6.25
C LYS A 7 0.83 -5.00 6.41
N ASP A 8 0.34 -5.51 5.24
CA ASP A 8 -0.92 -6.27 5.06
C ASP A 8 -2.19 -5.37 5.15
N GLU A 9 -1.99 -4.04 5.03
CA GLU A 9 -3.09 -3.05 4.93
C GLU A 9 -3.18 -2.52 3.48
N PRO A 10 -4.42 -2.40 2.88
CA PRO A 10 -4.62 -1.92 1.49
C PRO A 10 -3.98 -0.53 1.27
N CYS A 11 -3.23 -0.39 0.16
CA CYS A 11 -2.58 0.87 -0.19
C CYS A 11 -3.60 1.81 -0.86
N CYS A 12 -3.80 3.00 -0.27
CA CYS A 12 -4.68 4.02 -0.85
C CYS A 12 -3.94 4.73 -1.99
N GLY A 13 -4.07 4.17 -3.19
CA GLY A 13 -3.39 4.65 -4.38
C GLY A 13 -4.08 5.86 -5.00
N ARG A 14 -3.35 6.99 -5.04
CA ARG A 14 -3.81 8.25 -5.65
C ARG A 14 -3.88 8.10 -7.20
N PRO A 15 -4.77 8.89 -7.93
CA PRO A 15 -5.04 8.69 -9.39
C PRO A 15 -3.79 8.83 -10.30
N ASP A 16 -2.75 9.53 -9.81
CA ASP A 16 -1.47 9.69 -10.53
C ASP A 16 -0.62 8.41 -10.51
N GLY A 17 -0.89 7.55 -9.52
CA GLY A 17 -0.24 6.24 -9.41
C GLY A 17 0.54 6.07 -8.12
N ALA A 18 0.54 7.11 -7.26
CA ALA A 18 1.25 7.08 -5.98
C ALA A 18 0.50 6.23 -4.95
N LYS A 19 0.95 4.97 -4.78
CA LYS A 19 0.42 4.05 -3.76
C LYS A 19 0.93 4.51 -2.39
N VAL A 20 0.02 4.96 -1.51
CA VAL A 20 0.41 5.44 -0.18
C VAL A 20 0.74 4.24 0.72
N CYS A 21 2.05 4.07 0.97
CA CYS A 21 2.63 3.01 1.80
C CYS A 21 3.83 3.57 2.57
N ASN A 22 3.94 3.26 3.88
CA ASN A 22 5.13 3.61 4.66
C ASN A 22 6.24 2.58 4.35
N ASP A 23 7.38 3.06 3.82
CA ASP A 23 8.52 2.20 3.43
C ASP A 23 9.12 1.48 4.66
N PRO A 24 9.69 0.24 4.52
CA PRO A 24 9.98 -0.43 3.22
C PRO A 24 8.82 -1.29 2.65
N TRP A 25 7.59 -1.11 3.19
CA TRP A 25 6.42 -1.87 2.74
C TRP A 25 5.93 -1.33 1.38
N VAL A 26 6.13 -2.13 0.32
CA VAL A 26 5.71 -1.80 -1.06
C VAL A 26 4.35 -2.44 -1.35
N CYS A 27 3.40 -1.65 -1.89
CA CYS A 27 2.08 -2.16 -2.30
C CYS A 27 2.21 -3.03 -3.54
N ILE A 28 1.99 -4.33 -3.37
CA ILE A 28 1.89 -5.29 -4.48
C ILE A 28 0.49 -5.17 -5.10
N LEU A 29 0.41 -4.96 -6.43
CA LEU A 29 -0.85 -4.61 -7.12
C LEU A 29 -1.85 -5.79 -7.08
N THR A 30 -1.33 -7.03 -7.14
CA THR A 30 -2.12 -8.27 -7.06
C THR A 30 -2.95 -8.32 -5.75
N SER A 31 -2.28 -7.94 -4.64
CA SER A 31 -2.88 -7.94 -3.29
C SER A 31 -3.52 -6.57 -2.95
N SER A 32 -3.15 -5.54 -3.75
CA SER A 32 -3.55 -4.13 -3.59
C SER A 32 -3.25 -3.60 -2.17
N ARG A 33 -2.18 -4.14 -1.52
CA ARG A 33 -1.84 -3.81 -0.12
C ARG A 33 -0.33 -3.69 0.06
N CYS A 34 0.09 -2.80 0.97
CA CYS A 34 1.51 -2.56 1.28
C CYS A 34 2.08 -3.72 2.12
N GLU A 35 3.25 -4.27 1.71
CA GLU A 35 3.86 -5.45 2.36
C GLU A 35 5.35 -5.53 1.97
N ASN A 36 6.07 -6.52 2.54
CA ASN A 36 7.49 -6.74 2.21
C ASN A 36 7.64 -7.15 0.71
N PRO A 37 8.45 -6.39 -0.11
CA PRO A 37 8.67 -6.71 -1.54
C PRO A 37 9.64 -7.93 -1.72
N ASP A 1 -9.97 -0.95 6.66
CA ASP A 1 -10.02 0.34 5.91
C ASP A 1 -9.95 1.53 6.87
N GLY A 2 -9.99 2.75 6.32
CA GLY A 2 -9.95 4.00 7.10
C GLY A 2 -8.52 4.54 7.21
N GLU A 3 -7.55 3.63 7.25
CA GLU A 3 -6.12 3.96 7.17
C GLU A 3 -5.50 3.21 5.97
N CYS A 4 -4.18 3.36 5.76
CA CYS A 4 -3.50 2.78 4.60
C CYS A 4 -1.97 2.81 4.76
N GLY A 5 -1.27 1.83 4.15
CA GLY A 5 0.18 1.92 3.97
C GLY A 5 1.00 0.94 4.80
N ASP A 6 0.35 0.20 5.70
CA ASP A 6 1.03 -0.71 6.63
C ASP A 6 1.05 -2.15 6.09
N LYS A 7 1.79 -3.05 6.81
CA LYS A 7 2.04 -4.43 6.34
C LYS A 7 0.72 -5.22 6.25
N ASP A 8 0.46 -5.78 5.05
CA ASP A 8 -0.75 -6.58 4.72
C ASP A 8 -2.04 -5.77 4.86
N GLU A 9 -1.90 -4.44 4.73
CA GLU A 9 -3.03 -3.48 4.82
C GLU A 9 -3.08 -2.66 3.52
N PRO A 10 -4.32 -2.32 3.02
CA PRO A 10 -4.52 -1.69 1.69
C PRO A 10 -3.72 -0.38 1.53
N CYS A 11 -3.16 -0.19 0.33
CA CYS A 11 -2.42 1.03 -0.04
C CYS A 11 -3.39 2.05 -0.66
N CYS A 12 -3.40 3.28 -0.13
CA CYS A 12 -4.32 4.33 -0.60
C CYS A 12 -3.80 4.93 -1.92
N GLY A 13 -4.62 4.81 -2.97
CA GLY A 13 -4.22 5.22 -4.31
C GLY A 13 -4.47 6.69 -4.59
N ARG A 14 -3.41 7.42 -4.91
CA ARG A 14 -3.46 8.81 -5.40
C ARG A 14 -4.04 8.88 -6.84
N PRO A 15 -4.63 10.05 -7.27
CA PRO A 15 -5.24 10.20 -8.63
C PRO A 15 -4.29 9.78 -9.77
N ASP A 16 -3.02 10.22 -9.66
CA ASP A 16 -1.95 9.92 -10.63
C ASP A 16 -1.62 8.41 -10.70
N GLY A 17 -1.90 7.69 -9.59
CA GLY A 17 -1.73 6.23 -9.54
C GLY A 17 -0.76 5.76 -8.48
N ALA A 18 -0.19 6.70 -7.70
CA ALA A 18 0.78 6.37 -6.65
C ALA A 18 0.14 5.60 -5.48
N LYS A 19 0.56 4.35 -5.29
CA LYS A 19 0.17 3.52 -4.16
C LYS A 19 0.93 3.99 -2.89
N VAL A 20 0.22 4.66 -1.98
CA VAL A 20 0.81 5.24 -0.77
C VAL A 20 1.02 4.16 0.32
N CYS A 21 2.28 3.98 0.71
CA CYS A 21 2.71 3.04 1.74
C CYS A 21 3.86 3.69 2.55
N ASN A 22 4.04 3.26 3.81
CA ASN A 22 5.22 3.64 4.60
C ASN A 22 6.32 2.58 4.40
N ASP A 23 7.60 3.02 4.40
CA ASP A 23 8.74 2.13 4.19
C ASP A 23 8.95 1.20 5.42
N PRO A 24 9.42 -0.08 5.24
CA PRO A 24 9.89 -0.64 3.94
C PRO A 24 8.77 -1.35 3.12
N TRP A 25 7.50 -1.12 3.49
CA TRP A 25 6.36 -1.83 2.88
C TRP A 25 6.03 -1.22 1.50
N VAL A 26 6.03 -2.09 0.48
CA VAL A 26 5.67 -1.73 -0.91
C VAL A 26 4.31 -2.34 -1.24
N CYS A 27 3.38 -1.54 -1.79
CA CYS A 27 2.07 -2.07 -2.21
C CYS A 27 2.24 -3.00 -3.41
N ILE A 28 2.07 -4.29 -3.14
CA ILE A 28 2.07 -5.31 -4.18
C ILE A 28 0.69 -5.27 -4.84
N LEU A 29 0.69 -4.88 -6.13
CA LEU A 29 -0.53 -4.68 -6.94
C LEU A 29 -1.36 -5.98 -7.04
N THR A 30 -0.66 -7.13 -6.95
CA THR A 30 -1.27 -8.47 -6.97
C THR A 30 -2.17 -8.68 -5.72
N SER A 31 -1.60 -8.43 -4.52
CA SER A 31 -2.32 -8.63 -3.24
C SER A 31 -3.05 -7.33 -2.79
N SER A 32 -2.85 -6.24 -3.57
CA SER A 32 -3.48 -4.90 -3.37
C SER A 32 -3.25 -4.33 -1.95
N ARG A 33 -2.13 -4.71 -1.33
CA ARG A 33 -1.78 -4.35 0.06
C ARG A 33 -0.29 -3.97 0.14
N CYS A 34 0.05 -3.05 1.05
CA CYS A 34 1.45 -2.71 1.34
C CYS A 34 2.11 -3.88 2.08
N GLU A 35 2.70 -4.78 1.30
CA GLU A 35 3.35 -6.01 1.80
C GLU A 35 4.87 -5.78 1.84
N ASN A 36 5.65 -6.79 2.24
CA ASN A 36 7.12 -6.76 2.14
C ASN A 36 7.53 -6.91 0.66
N PRO A 37 8.64 -6.25 0.21
CA PRO A 37 9.21 -6.43 -1.15
C PRO A 37 9.60 -7.91 -1.44
#